data_3IT1
#
_entry.id   3IT1
#
_cell.length_a   61.640
_cell.length_b   61.640
_cell.length_c   211.320
_cell.angle_alpha   90.000
_cell.angle_beta   90.000
_cell.angle_gamma   90.000
#
_symmetry.space_group_name_H-M   'P 41'
#
loop_
_entity.id
_entity.type
_entity.pdbx_description
1 polymer 'Acid phosphatase'
2 non-polymer 'ACETATE ION'
3 non-polymer 2-(2-METHOXYETHOXY)ETHANOL
4 non-polymer 'L(+)-TARTARIC ACID'
5 water water
#
_entity_poly.entity_id   1
_entity_poly.type   'polypeptide(L)'
_entity_poly.pdbx_seq_one_letter_code
;MVGYSSKLIFVSMITRHGDRAPFANIENANYSWGTELSELTPIGMNQEYNLGLQLRKRYIDKFGLLPEHYVDQSIYVLSS
HTNRTVVSAQSLLMGLYPAGTGPLIGDGDPAIKDRFQPIPIMTLSADSRLIQFPYEQYLAVLKKYVYNSPEWQNKTKEAA
PNFAKWQQILGNRISGLNDVITVGDVLIVAQAHGKPLPKGLSQEDADQIIALTDWGLAQQFKSQKVSYIMGGKLTNRMIE
DLNNAVNGKSKYKMTYYSGHDLTLLEVMGTLGVPLDTAPGYASNLEMELYKDGDIYTVKLRYNGKYVKLPIMDKNNSCSL
DALNKYMQSINEKFQKHHHHHH
;
_entity_poly.pdbx_strand_id   A,B
#
loop_
_chem_comp.id
_chem_comp.type
_chem_comp.name
_chem_comp.formula
ACT non-polymer 'ACETATE ION' 'C2 H3 O2 -1'
PG0 non-polymer 2-(2-METHOXYETHOXY)ETHANOL 'C5 H12 O3'
TLA non-polymer 'L(+)-TARTARIC ACID' 'C4 H6 O6'
#
# COMPACT_ATOMS: atom_id res chain seq x y z
N SER A 6 -31.33 -15.55 -8.03
CA SER A 6 -30.23 -14.63 -8.34
C SER A 6 -29.17 -14.67 -7.24
N LYS A 7 -27.91 -14.76 -7.66
CA LYS A 7 -26.79 -14.84 -6.72
C LYS A 7 -25.88 -13.64 -6.89
N LEU A 8 -25.39 -13.10 -5.78
CA LEU A 8 -24.42 -12.01 -5.85
C LEU A 8 -23.10 -12.62 -6.32
N ILE A 9 -22.50 -12.06 -7.37
CA ILE A 9 -21.27 -12.63 -7.90
C ILE A 9 -20.07 -11.70 -7.86
N PHE A 10 -20.31 -10.41 -7.66
CA PHE A 10 -19.22 -9.43 -7.62
C PHE A 10 -19.69 -8.14 -6.96
N VAL A 11 -18.77 -7.47 -6.25
CA VAL A 11 -19.04 -6.13 -5.71
C VAL A 11 -17.87 -5.19 -5.97
N SER A 12 -18.16 -3.97 -6.39
CA SER A 12 -17.10 -2.94 -6.39
C SER A 12 -17.47 -1.88 -5.36
N MET A 13 -16.50 -1.48 -4.54
CA MET A 13 -16.78 -0.62 -3.39
C MET A 13 -15.84 0.58 -3.35
N ILE A 14 -16.39 1.74 -2.94
CA ILE A 14 -15.56 2.87 -2.55
C ILE A 14 -15.85 3.23 -1.10
N THR A 15 -14.82 3.59 -0.33
CA THR A 15 -15.04 4.16 1.00
C THR A 15 -14.46 5.56 1.07
N ARG A 16 -15.06 6.38 1.93
CA ARG A 16 -14.37 7.53 2.47
C ARG A 16 -13.56 7.02 3.66
N HIS A 17 -12.39 7.60 3.90
CA HIS A 17 -11.59 7.21 5.04
C HIS A 17 -12.28 7.60 6.35
N GLY A 18 -11.69 7.19 7.46
CA GLY A 18 -12.31 7.43 8.75
C GLY A 18 -11.94 8.79 9.31
N ASP A 19 -12.36 9.01 10.56
CA ASP A 19 -12.03 10.22 11.30
C ASP A 19 -10.55 10.55 11.24
N ARG A 20 -10.23 11.81 10.97
CA ARG A 20 -8.85 12.25 10.87
C ARG A 20 -8.66 13.57 11.60
N ALA A 21 -7.42 13.94 11.84
CA ALA A 21 -7.09 15.30 12.30
C ALA A 21 -7.37 16.26 11.14
N PRO A 22 -7.47 17.56 11.41
CA PRO A 22 -7.62 18.51 10.30
C PRO A 22 -6.30 18.66 9.55
N PHE A 23 -6.31 19.46 8.49
CA PHE A 23 -5.11 19.78 7.73
C PHE A 23 -4.50 21.09 8.18
N ALA A 24 -5.31 21.94 8.78
CA ALA A 24 -4.85 23.26 9.19
C ALA A 24 -5.42 23.62 10.56
N ASN A 25 -4.96 24.74 11.12
CA ASN A 25 -5.41 25.18 12.41
C ASN A 25 -6.36 26.39 12.31
N ILE A 26 -7.24 26.53 13.29
CA ILE A 26 -7.92 27.79 13.50
C ILE A 26 -6.98 28.69 14.29
N GLU A 27 -6.68 29.88 13.75
CA GLU A 27 -5.64 30.73 14.32
C GLU A 27 -5.83 31.05 15.79
N ASN A 28 -7.08 31.27 16.16
CA ASN A 28 -7.37 31.80 17.50
C ASN A 28 -7.76 30.69 18.49
N ALA A 29 -7.52 29.45 18.10
CA ALA A 29 -7.78 28.32 18.99
C ALA A 29 -6.48 27.57 19.30
N ASN A 30 -6.46 26.83 20.40
CA ASN A 30 -5.29 26.00 20.73
C ASN A 30 -5.67 24.54 20.86
N TYR A 31 -6.22 23.97 19.80
CA TYR A 31 -6.62 22.58 19.82
C TYR A 31 -5.39 21.67 19.80
N SER A 32 -5.43 20.61 20.59
CA SER A 32 -4.41 19.57 20.47
C SER A 32 -5.10 18.26 20.14
N TRP A 33 -4.81 17.72 18.96
CA TRP A 33 -5.53 16.56 18.45
C TRP A 33 -5.09 15.20 19.00
N GLY A 34 -3.83 15.10 19.43
CA GLY A 34 -3.30 13.82 19.84
C GLY A 34 -2.89 12.99 18.64
N THR A 35 -3.11 13.56 17.46
CA THR A 35 -2.78 12.93 16.18
C THR A 35 -2.15 14.01 15.29
N GLU A 36 -1.17 13.65 14.46
CA GLU A 36 -0.58 14.61 13.54
C GLU A 36 -1.61 15.12 12.55
N LEU A 37 -1.52 16.39 12.16
CA LEU A 37 -2.45 16.91 11.16
C LEU A 37 -2.53 15.98 9.95
N SER A 38 -3.73 15.80 9.41
CA SER A 38 -4.01 14.97 8.22
C SER A 38 -4.07 13.46 8.45
N GLU A 39 -3.61 13.00 9.62
CA GLU A 39 -3.54 11.56 9.85
C GLU A 39 -4.86 10.99 10.37
N LEU A 40 -5.11 9.71 10.10
CA LEU A 40 -6.29 9.05 10.63
C LEU A 40 -6.13 8.90 12.14
N THR A 41 -7.21 9.09 12.89
CA THR A 41 -7.13 8.97 14.35
C THR A 41 -7.50 7.55 14.74
N PRO A 42 -7.28 7.19 16.01
CA PRO A 42 -7.75 5.89 16.50
C PRO A 42 -9.26 5.76 16.28
N ILE A 43 -10.04 6.83 16.52
CA ILE A 43 -11.48 6.81 16.21
C ILE A 43 -11.73 6.41 14.74
N GLY A 44 -10.95 6.98 13.83
CA GLY A 44 -11.06 6.67 12.41
C GLY A 44 -10.71 5.22 12.06
N MET A 45 -9.70 4.65 12.71
CA MET A 45 -9.35 3.25 12.50
C MET A 45 -10.54 2.40 12.94
N ASN A 46 -11.11 2.76 14.08
CA ASN A 46 -12.23 2.02 14.64
C ASN A 46 -13.46 2.09 13.74
N GLN A 47 -13.69 3.25 13.14
CA GLN A 47 -14.84 3.40 12.26
C GLN A 47 -14.70 2.48 11.06
N GLU A 48 -13.51 2.45 10.48
CA GLU A 48 -13.30 1.60 9.29
C GLU A 48 -13.33 0.12 9.66
N TYR A 49 -12.74 -0.21 10.81
CA TYR A 49 -12.77 -1.57 11.32
C TYR A 49 -14.22 -2.04 11.48
N ASN A 50 -15.06 -1.20 12.08
CA ASN A 50 -16.46 -1.56 12.25
C ASN A 50 -17.20 -1.67 10.92
N LEU A 51 -16.87 -0.83 9.96
CA LEU A 51 -17.44 -0.99 8.62
C LEU A 51 -17.05 -2.35 8.04
N GLY A 52 -15.78 -2.73 8.23
CA GLY A 52 -15.31 -4.04 7.79
C GLY A 52 -16.11 -5.19 8.40
N LEU A 53 -16.40 -5.09 9.70
CA LEU A 53 -17.20 -6.11 10.38
C LEU A 53 -18.59 -6.21 9.75
N GLN A 54 -19.18 -5.06 9.46
CA GLN A 54 -20.50 -5.00 8.84
C GLN A 54 -20.47 -5.61 7.44
N LEU A 55 -19.40 -5.33 6.70
CA LEU A 55 -19.26 -5.88 5.34
C LEU A 55 -19.08 -7.40 5.40
N ARG A 56 -18.45 -7.90 6.46
CA ARG A 56 -18.32 -9.36 6.62
C ARG A 56 -19.72 -9.94 6.80
N LYS A 57 -20.53 -9.28 7.62
CA LYS A 57 -21.85 -9.83 7.90
C LYS A 57 -22.69 -9.84 6.63
N ARG A 58 -22.44 -8.87 5.75
CA ARG A 58 -23.24 -8.76 4.53
C ARG A 58 -22.73 -9.66 3.42
N TYR A 59 -21.48 -9.45 3.04
CA TYR A 59 -20.93 -10.12 1.85
C TYR A 59 -20.35 -11.51 2.11
N ILE A 60 -20.07 -11.83 3.36
CA ILE A 60 -19.64 -13.19 3.70
C ILE A 60 -20.83 -13.95 4.31
N ASP A 61 -21.34 -13.46 5.43
CA ASP A 61 -22.39 -14.19 6.15
C ASP A 61 -23.73 -14.28 5.43
N LYS A 62 -24.21 -13.16 4.89
CA LYS A 62 -25.54 -13.11 4.30
C LYS A 62 -25.59 -13.59 2.85
N PHE A 63 -24.71 -13.02 2.01
CA PHE A 63 -24.71 -13.32 0.58
C PHE A 63 -23.76 -14.46 0.20
N GLY A 64 -22.77 -14.73 1.05
CA GLY A 64 -21.78 -15.76 0.78
C GLY A 64 -21.01 -15.52 -0.51
N LEU A 65 -20.90 -14.26 -0.91
CA LEU A 65 -20.06 -13.91 -2.05
C LEU A 65 -18.61 -14.26 -1.75
N LEU A 66 -18.17 -13.88 -0.56
CA LEU A 66 -16.79 -14.10 -0.12
C LEU A 66 -16.75 -15.20 0.94
N PRO A 67 -15.65 -15.97 1.00
CA PRO A 67 -15.51 -17.00 2.03
C PRO A 67 -15.07 -16.40 3.38
N GLU A 68 -15.16 -17.21 4.43
CA GLU A 68 -14.84 -16.76 5.79
C GLU A 68 -13.34 -16.57 5.98
N HIS A 69 -12.54 -17.30 5.20
CA HIS A 69 -11.09 -17.14 5.25
C HIS A 69 -10.60 -16.58 3.93
N TYR A 70 -9.73 -15.56 3.99
CA TYR A 70 -9.38 -14.85 2.78
C TYR A 70 -8.70 -15.72 1.72
N VAL A 71 -9.16 -15.57 0.49
CA VAL A 71 -8.59 -16.29 -0.66
C VAL A 71 -7.70 -15.35 -1.46
N ASP A 72 -6.46 -15.75 -1.69
CA ASP A 72 -5.55 -14.87 -2.40
C ASP A 72 -6.09 -14.53 -3.79
N GLN A 73 -5.93 -13.26 -4.14
CA GLN A 73 -6.39 -12.70 -5.40
C GLN A 73 -7.92 -12.64 -5.54
N SER A 74 -8.62 -12.73 -4.41
CA SER A 74 -10.08 -12.61 -4.43
C SER A 74 -10.55 -11.15 -4.33
N ILE A 75 -9.73 -10.28 -3.77
CA ILE A 75 -10.12 -8.88 -3.61
C ILE A 75 -8.97 -8.01 -4.06
N TYR A 76 -9.27 -7.05 -4.91
CA TYR A 76 -8.28 -6.08 -5.32
C TYR A 76 -8.55 -4.80 -4.56
N VAL A 77 -7.55 -4.31 -3.82
CA VAL A 77 -7.70 -3.06 -3.08
C VAL A 77 -6.71 -2.03 -3.59
N LEU A 78 -7.24 -0.86 -3.91
CA LEU A 78 -6.44 0.24 -4.43
C LEU A 78 -6.77 1.50 -3.64
N SER A 79 -5.74 2.18 -3.16
CA SER A 79 -5.93 3.37 -2.33
C SER A 79 -5.27 4.60 -2.98
N SER A 80 -5.79 5.78 -2.67
CA SER A 80 -5.06 6.99 -3.03
C SER A 80 -3.76 7.01 -2.23
N HIS A 81 -2.84 7.86 -2.64
CA HIS A 81 -1.51 7.89 -2.06
C HIS A 81 -1.48 8.75 -0.80
N THR A 82 -2.23 8.32 0.22
CA THR A 82 -2.23 9.01 1.51
C THR A 82 -2.23 8.03 2.66
N ASN A 83 -1.61 8.41 3.78
CA ASN A 83 -1.62 7.51 4.93
C ASN A 83 -3.04 7.21 5.36
N ARG A 84 -3.90 8.23 5.41
CA ARG A 84 -5.23 8.02 5.96
C ARG A 84 -6.07 7.03 5.15
N THR A 85 -5.92 7.04 3.83
CA THR A 85 -6.71 6.11 3.00
C THR A 85 -6.12 4.71 3.04
N VAL A 86 -4.80 4.61 3.13
CA VAL A 86 -4.20 3.28 3.25
C VAL A 86 -4.55 2.68 4.60
N VAL A 87 -4.37 3.45 5.67
CA VAL A 87 -4.67 2.95 7.00
C VAL A 87 -6.16 2.66 7.14
N SER A 88 -7.01 3.46 6.48
CA SER A 88 -8.44 3.17 6.49
C SER A 88 -8.73 1.81 5.85
N ALA A 89 -8.12 1.55 4.69
CA ALA A 89 -8.35 0.27 4.01
C ALA A 89 -7.84 -0.89 4.88
N GLN A 90 -6.64 -0.74 5.46
CA GLN A 90 -6.13 -1.81 6.30
CA GLN A 90 -6.10 -1.77 6.34
C GLN A 90 -7.07 -2.06 7.47
N SER A 91 -7.57 -0.98 8.08
CA SER A 91 -8.45 -1.12 9.22
C SER A 91 -9.75 -1.83 8.82
N LEU A 92 -10.32 -1.41 7.70
CA LEU A 92 -11.54 -2.05 7.20
C LEU A 92 -11.29 -3.54 6.98
N LEU A 93 -10.16 -3.87 6.35
CA LEU A 93 -9.88 -5.28 6.06
C LEU A 93 -9.68 -6.08 7.34
N MET A 94 -9.26 -5.41 8.41
CA MET A 94 -9.16 -6.04 9.73
CA MET A 94 -9.16 -6.06 9.71
C MET A 94 -10.54 -6.39 10.26
N GLY A 95 -11.57 -5.74 9.73
CA GLY A 95 -12.92 -6.08 10.10
C GLY A 95 -13.47 -7.13 9.16
N LEU A 96 -13.15 -7.00 7.88
CA LEU A 96 -13.70 -7.93 6.89
C LEU A 96 -13.14 -9.33 7.07
N TYR A 97 -11.84 -9.41 7.37
CA TYR A 97 -11.16 -10.68 7.63
C TYR A 97 -10.38 -10.51 8.92
N PRO A 98 -11.07 -10.72 10.05
CA PRO A 98 -10.56 -10.36 11.37
C PRO A 98 -9.55 -11.36 11.91
N ALA A 99 -8.86 -10.93 12.96
CA ALA A 99 -8.03 -11.81 13.76
C ALA A 99 -8.80 -13.10 13.99
N GLY A 100 -8.10 -14.23 13.83
CA GLY A 100 -8.71 -15.54 14.02
C GLY A 100 -8.97 -16.23 12.69
N THR A 101 -8.98 -15.45 11.62
CA THR A 101 -9.27 -16.01 10.29
C THR A 101 -8.05 -16.15 9.39
N GLY A 102 -6.93 -15.57 9.81
CA GLY A 102 -5.71 -15.63 9.04
C GLY A 102 -5.10 -17.02 8.96
N PRO A 103 -4.13 -17.20 8.05
CA PRO A 103 -3.60 -18.51 7.68
C PRO A 103 -2.85 -19.17 8.81
N LEU A 104 -2.80 -20.51 8.75
CA LEU A 104 -2.01 -21.31 9.66
C LEU A 104 -0.80 -21.85 8.92
N ILE A 105 0.24 -22.21 9.67
CA ILE A 105 1.39 -22.91 9.09
C ILE A 105 1.58 -24.27 9.79
N ASP A 107 1.40 -27.12 11.93
CA ASP A 107 0.33 -27.89 12.57
C ASP A 107 -0.62 -26.97 13.32
N GLY A 108 -1.27 -26.09 12.59
CA GLY A 108 -2.28 -25.22 13.17
C GLY A 108 -1.71 -24.05 13.94
N ASP A 109 -0.43 -23.78 13.75
CA ASP A 109 0.21 -22.61 14.35
C ASP A 109 0.01 -21.41 13.43
N PRO A 110 -0.39 -20.27 14.00
CA PRO A 110 -0.74 -19.09 13.20
C PRO A 110 0.45 -18.54 12.45
N ALA A 111 0.23 -18.13 11.20
CA ALA A 111 1.29 -17.53 10.42
C ALA A 111 1.70 -16.22 11.10
N ILE A 112 0.70 -15.53 11.62
CA ILE A 112 0.91 -14.30 12.37
C ILE A 112 0.15 -14.39 13.68
N LYS A 113 0.74 -13.91 14.77
CA LYS A 113 0.08 -14.01 16.08
C LYS A 113 -1.36 -13.52 15.99
N ASP A 114 -2.27 -14.23 16.66
CA ASP A 114 -3.69 -13.90 16.67
C ASP A 114 -4.34 -14.16 15.31
N ARG A 115 -3.63 -14.87 14.45
CA ARG A 115 -4.13 -15.22 13.11
C ARG A 115 -4.61 -13.99 12.35
N PHE A 116 -3.81 -12.93 12.36
CA PHE A 116 -4.09 -11.79 11.52
CA PHE A 116 -4.06 -11.78 11.52
C PHE A 116 -4.07 -12.21 10.06
N GLN A 117 -4.85 -11.51 9.23
CA GLN A 117 -4.88 -11.79 7.80
C GLN A 117 -4.36 -10.60 7.00
N PRO A 118 -3.13 -10.70 6.49
CA PRO A 118 -2.70 -9.62 5.59
C PRO A 118 -3.45 -9.71 4.26
N ILE A 119 -3.83 -8.55 3.72
CA ILE A 119 -4.48 -8.49 2.41
C ILE A 119 -3.84 -7.32 1.70
N PRO A 120 -3.29 -7.55 0.49
CA PRO A 120 -2.47 -6.50 -0.12
C PRO A 120 -3.29 -5.28 -0.50
N ILE A 121 -2.67 -4.12 -0.33
CA ILE A 121 -3.26 -2.85 -0.73
C ILE A 121 -2.25 -2.16 -1.63
N MET A 122 -2.66 -1.83 -2.85
CA MET A 122 -1.80 -1.06 -3.74
C MET A 122 -2.16 0.39 -3.56
N THR A 123 -1.20 1.29 -3.77
CA THR A 123 -1.53 2.72 -3.78
C THR A 123 -1.25 3.29 -5.15
N LEU A 124 -2.11 4.19 -5.56
CA LEU A 124 -1.85 4.99 -6.74
C LEU A 124 -0.68 5.91 -6.42
N SER A 125 -0.11 6.51 -7.47
CA SER A 125 0.88 7.55 -7.29
C SER A 125 0.20 8.80 -6.76
N ALA A 126 0.97 9.67 -6.13
CA ALA A 126 0.44 10.93 -5.64
C ALA A 126 -0.20 11.78 -6.75
N ASP A 127 0.28 11.65 -7.99
CA ASP A 127 -0.29 12.50 -9.04
C ASP A 127 -1.40 11.83 -9.83
N SER A 128 -1.79 10.63 -9.41
CA SER A 128 -2.92 9.97 -10.05
C SER A 128 -4.17 10.79 -9.81
N ARG A 129 -5.03 10.84 -10.80
CA ARG A 129 -6.29 11.55 -10.66
C ARG A 129 -7.47 10.61 -10.43
N LEU A 130 -7.21 9.32 -10.27
CA LEU A 130 -8.30 8.33 -10.22
C LEU A 130 -9.18 8.45 -8.98
N ILE A 131 -8.56 8.44 -7.80
CA ILE A 131 -9.27 8.42 -6.53
C ILE A 131 -9.29 9.78 -5.86
N GLN A 132 -8.15 10.46 -5.86
CA GLN A 132 -8.06 11.81 -5.31
C GLN A 132 -7.53 12.73 -6.39
N PHE A 133 -8.36 13.67 -6.84
CA PHE A 133 -7.92 14.64 -7.83
C PHE A 133 -6.85 15.49 -7.14
N PRO A 134 -5.69 15.69 -7.79
CA PRO A 134 -4.62 16.52 -7.22
C PRO A 134 -5.16 17.89 -6.81
N TYR A 135 -4.76 18.40 -5.64
CA TYR A 135 -5.40 19.54 -5.01
C TYR A 135 -5.47 20.80 -5.87
N GLU A 136 -4.35 21.17 -6.46
CA GLU A 136 -4.30 22.41 -7.25
C GLU A 136 -5.23 22.27 -8.46
N GLN A 137 -5.26 21.09 -9.06
CA GLN A 137 -6.12 20.85 -10.22
C GLN A 137 -7.59 20.88 -9.78
N TYR A 138 -7.85 20.33 -8.61
CA TYR A 138 -9.19 20.35 -8.03
C TYR A 138 -9.68 21.79 -7.82
N LEU A 139 -8.84 22.60 -7.20
CA LEU A 139 -9.22 24.00 -6.99
C LEU A 139 -9.45 24.72 -8.30
N ALA A 140 -8.67 24.37 -9.32
CA ALA A 140 -8.83 24.98 -10.64
C ALA A 140 -10.18 24.64 -11.27
N VAL A 141 -10.63 23.41 -11.06
CA VAL A 141 -11.95 22.99 -11.52
C VAL A 141 -13.03 23.77 -10.79
N LEU A 142 -12.87 23.92 -9.48
CA LEU A 142 -13.82 24.70 -8.69
C LEU A 142 -13.90 26.14 -9.15
N LYS A 143 -12.74 26.77 -9.35
CA LYS A 143 -12.70 28.17 -9.77
C LYS A 143 -13.41 28.33 -11.12
N LYS A 144 -13.16 27.39 -12.00
CA LYS A 144 -13.66 27.44 -13.37
C LYS A 144 -15.16 27.16 -13.47
N TYR A 145 -15.62 26.12 -12.78
CA TYR A 145 -16.98 25.60 -12.96
C TYR A 145 -17.91 25.91 -11.80
N VAL A 146 -17.37 26.03 -10.59
CA VAL A 146 -18.22 26.12 -9.40
C VAL A 146 -18.33 27.52 -8.76
N TYR A 147 -17.20 28.16 -8.51
CA TYR A 147 -17.20 29.37 -7.69
C TYR A 147 -18.03 30.51 -8.29
N ASN A 148 -18.11 30.55 -9.61
CA ASN A 148 -18.85 31.59 -10.31
C ASN A 148 -20.23 31.14 -10.78
N SER A 149 -20.59 29.90 -10.46
CA SER A 149 -21.94 29.41 -10.73
C SER A 149 -22.93 30.25 -9.93
N PRO A 150 -24.18 30.34 -10.42
CA PRO A 150 -25.21 31.16 -9.77
C PRO A 150 -25.57 30.64 -8.39
N GLU A 151 -25.68 29.33 -8.23
CA GLU A 151 -26.01 28.76 -6.93
C GLU A 151 -24.93 29.14 -5.91
N TRP A 152 -23.68 29.14 -6.34
CA TRP A 152 -22.56 29.42 -5.44
C TRP A 152 -22.56 30.90 -5.11
N GLN A 153 -22.76 31.74 -6.12
CA GLN A 153 -22.79 33.18 -5.90
C GLN A 153 -23.91 33.56 -4.96
N ASN A 154 -25.10 33.00 -5.20
CA ASN A 154 -26.26 33.31 -4.38
C ASN A 154 -26.07 32.94 -2.93
N LYS A 155 -25.47 31.77 -2.71
CA LYS A 155 -25.24 31.32 -1.35
C LYS A 155 -24.17 32.18 -0.70
N THR A 156 -23.17 32.57 -1.49
CA THR A 156 -22.13 33.47 -1.00
C THR A 156 -22.74 34.77 -0.48
N LYS A 157 -23.69 35.32 -1.21
CA LYS A 157 -24.33 36.57 -0.78
C LYS A 157 -25.12 36.40 0.51
N GLU A 158 -25.77 35.25 0.65
CA GLU A 158 -26.51 34.94 1.88
C GLU A 158 -25.57 34.95 3.08
N ALA A 159 -24.40 34.35 2.89
CA ALA A 159 -23.45 34.11 3.97
C ALA A 159 -22.50 35.27 4.24
N ALA A 160 -22.25 36.08 3.21
CA ALA A 160 -21.26 37.15 3.24
C ALA A 160 -21.36 38.11 4.44
N PRO A 161 -22.58 38.41 4.90
CA PRO A 161 -22.71 39.36 6.04
C PRO A 161 -22.06 38.84 7.33
N ASN A 162 -21.73 37.56 7.36
CA ASN A 162 -21.09 36.95 8.52
C ASN A 162 -19.55 36.84 8.41
N PHE A 163 -19.01 37.07 7.22
CA PHE A 163 -17.58 36.85 7.00
C PHE A 163 -16.69 37.69 7.92
N ALA A 164 -17.02 38.96 8.11
CA ALA A 164 -16.20 39.83 8.93
C ALA A 164 -16.13 39.32 10.37
N LYS A 165 -17.29 39.00 10.92
CA LYS A 165 -17.38 38.47 12.27
C LYS A 165 -16.56 37.19 12.40
N TRP A 166 -16.80 36.25 11.49
CA TRP A 166 -16.14 34.96 11.57
C TRP A 166 -14.63 35.14 11.45
N GLN A 167 -14.21 36.02 10.55
CA GLN A 167 -12.80 36.30 10.37
C GLN A 167 -12.17 36.87 11.64
N GLN A 168 -12.80 37.87 12.25
CA GLN A 168 -12.24 38.44 13.48
C GLN A 168 -12.24 37.41 14.62
N ILE A 169 -13.27 36.58 14.69
CA ILE A 169 -13.35 35.58 15.75
C ILE A 169 -12.28 34.50 15.60
N LEU A 170 -12.17 33.95 14.39
CA LEU A 170 -11.32 32.78 14.17
C LEU A 170 -9.87 33.13 13.90
N GLY A 171 -9.64 34.29 13.31
CA GLY A 171 -8.30 34.73 12.95
C GLY A 171 -7.92 34.34 11.53
N ASN A 172 -8.53 33.27 11.03
CA ASN A 172 -8.31 32.82 9.67
C ASN A 172 -9.02 33.74 8.68
N ARG A 173 -8.46 33.90 7.49
CA ARG A 173 -9.13 34.70 6.46
C ARG A 173 -10.47 34.07 6.09
N ILE A 174 -11.51 34.89 6.04
CA ILE A 174 -12.81 34.44 5.55
C ILE A 174 -13.29 35.46 4.53
N SER A 175 -13.11 35.17 3.25
CA SER A 175 -13.49 36.13 2.22
C SER A 175 -14.35 35.49 1.13
N GLY A 176 -14.76 34.25 1.37
CA GLY A 176 -15.59 33.53 0.43
C GLY A 176 -16.00 32.20 1.01
N LEU A 177 -16.89 31.49 0.32
CA LEU A 177 -17.34 30.18 0.79
C LEU A 177 -16.20 29.18 0.87
N ASN A 178 -15.23 29.32 -0.02
CA ASN A 178 -14.08 28.43 0.01
C ASN A 178 -13.37 28.49 1.35
N ASP A 179 -13.27 29.70 1.90
CA ASP A 179 -12.65 29.90 3.23
C ASP A 179 -13.53 29.36 4.34
N VAL A 180 -14.85 29.49 4.19
CA VAL A 180 -15.79 28.92 5.15
C VAL A 180 -15.60 27.40 5.20
N ILE A 181 -15.57 26.78 4.03
CA ILE A 181 -15.30 25.34 3.94
C ILE A 181 -13.97 24.96 4.61
N THR A 182 -12.94 25.76 4.38
CA THR A 182 -11.64 25.53 5.00
C THR A 182 -11.70 25.49 6.53
N VAL A 183 -12.25 26.53 7.15
CA VAL A 183 -12.34 26.53 8.61
C VAL A 183 -13.43 25.58 9.11
N GLY A 184 -14.44 25.35 8.29
CA GLY A 184 -15.52 24.43 8.64
C GLY A 184 -15.00 23.04 8.94
N ASP A 185 -14.00 22.59 8.19
CA ASP A 185 -13.44 21.26 8.46
C ASP A 185 -12.86 21.20 9.87
N VAL A 186 -12.21 22.27 10.29
CA VAL A 186 -11.60 22.25 11.60
C VAL A 186 -12.69 22.15 12.66
N LEU A 187 -13.79 22.86 12.43
CA LEU A 187 -14.87 22.86 13.41
C LEU A 187 -15.54 21.48 13.47
N ILE A 188 -15.60 20.80 12.33
CA ILE A 188 -16.17 19.45 12.25
C ILE A 188 -15.32 18.47 13.05
N VAL A 189 -14.00 18.54 12.86
CA VAL A 189 -13.07 17.73 13.63
C VAL A 189 -13.18 18.05 15.13
N ALA A 190 -13.17 19.33 15.48
CA ALA A 190 -13.31 19.74 16.88
C ALA A 190 -14.57 19.14 17.50
N GLN A 191 -15.68 19.21 16.78
CA GLN A 191 -16.91 18.65 17.29
C GLN A 191 -16.81 17.14 17.43
N ALA A 192 -16.20 16.49 16.43
CA ALA A 192 -16.06 15.04 16.45
C ALA A 192 -15.20 14.59 17.62
N HIS A 193 -14.34 15.48 18.11
CA HIS A 193 -13.45 15.14 19.20
C HIS A 193 -13.84 15.80 20.53
N GLY A 194 -15.03 16.38 20.55
CA GLY A 194 -15.58 16.99 21.75
C GLY A 194 -14.81 18.19 22.28
N LYS A 195 -14.15 18.93 21.40
CA LYS A 195 -13.38 20.09 21.81
C LYS A 195 -14.33 21.25 22.07
N PRO A 196 -13.93 22.18 22.94
CA PRO A 196 -14.81 23.34 23.11
C PRO A 196 -14.80 24.21 21.87
N LEU A 197 -15.78 25.11 21.77
CA LEU A 197 -15.82 26.08 20.68
C LEU A 197 -14.70 27.11 20.83
N PRO A 198 -14.21 27.66 19.70
CA PRO A 198 -13.27 28.79 19.82
C PRO A 198 -13.93 29.89 20.60
N LYS A 199 -13.15 30.67 21.36
CA LYS A 199 -13.71 31.75 22.16
C LYS A 199 -14.46 32.72 21.25
N GLY A 200 -15.67 33.08 21.63
CA GLY A 200 -16.43 34.07 20.87
C GLY A 200 -17.20 33.52 19.69
N LEU A 201 -17.05 32.23 19.39
CA LEU A 201 -17.84 31.58 18.33
C LEU A 201 -18.99 30.84 18.97
N SER A 202 -20.20 31.35 18.80
CA SER A 202 -21.37 30.72 19.42
C SER A 202 -21.66 29.40 18.75
N GLN A 203 -22.43 28.55 19.42
CA GLN A 203 -22.80 27.28 18.81
C GLN A 203 -23.56 27.57 17.52
N GLU A 204 -24.34 28.64 17.54
CA GLU A 204 -25.10 29.05 16.37
C GLU A 204 -24.19 29.38 15.19
N ASP A 205 -23.13 30.11 15.47
CA ASP A 205 -22.18 30.46 14.41
C ASP A 205 -21.47 29.21 13.91
N ALA A 206 -21.00 28.38 14.83
CA ALA A 206 -20.33 27.15 14.46
C ALA A 206 -21.24 26.32 13.56
N ASP A 207 -22.49 26.18 13.98
CA ASP A 207 -23.48 25.39 13.23
C ASP A 207 -23.64 25.92 11.81
N GLN A 208 -23.73 27.25 11.67
CA GLN A 208 -23.84 27.86 10.35
C GLN A 208 -22.64 27.56 9.47
N ILE A 209 -21.44 27.65 10.05
CA ILE A 209 -20.22 27.39 9.28
C ILE A 209 -20.16 25.93 8.82
N ILE A 210 -20.53 25.04 9.73
CA ILE A 210 -20.50 23.60 9.43
C ILE A 210 -21.56 23.27 8.38
N ALA A 211 -22.73 23.89 8.51
CA ALA A 211 -23.82 23.68 7.55
C ALA A 211 -23.44 24.18 6.17
N LEU A 212 -22.69 25.28 6.14
CA LEU A 212 -22.23 25.82 4.86
C LEU A 212 -21.19 24.91 4.24
N THR A 213 -20.38 24.31 5.09
CA THR A 213 -19.32 23.40 4.65
C THR A 213 -19.91 22.16 4.00
N ASP A 214 -20.90 21.56 4.66
CA ASP A 214 -21.61 20.40 4.15
C ASP A 214 -22.26 20.77 2.82
N TRP A 215 -22.91 21.93 2.79
CA TRP A 215 -23.59 22.38 1.60
C TRP A 215 -22.62 22.57 0.44
N GLY A 216 -21.49 23.23 0.72
CA GLY A 216 -20.53 23.59 -0.31
C GLY A 216 -19.90 22.37 -0.95
N LEU A 217 -19.53 21.40 -0.13
CA LEU A 217 -18.93 20.17 -0.62
C LEU A 217 -19.91 19.43 -1.54
N ALA A 218 -21.17 19.30 -1.11
CA ALA A 218 -22.15 18.60 -1.95
C ALA A 218 -22.48 19.39 -3.21
N GLN A 219 -22.53 20.71 -3.08
CA GLN A 219 -22.94 21.55 -4.20
C GLN A 219 -22.01 21.38 -5.39
N GLN A 220 -20.72 21.20 -5.12
CA GLN A 220 -19.72 21.12 -6.16
C GLN A 220 -20.06 20.01 -7.15
N PHE A 221 -20.70 18.96 -6.65
CA PHE A 221 -20.91 17.77 -7.46
C PHE A 221 -22.34 17.64 -7.97
N LYS A 222 -23.16 18.64 -7.67
CA LYS A 222 -24.50 18.71 -8.24
C LYS A 222 -24.38 18.99 -9.73
N SER A 223 -23.19 19.40 -10.16
CA SER A 223 -22.85 19.51 -11.57
C SER A 223 -22.32 18.19 -12.09
N GLN A 224 -23.04 17.57 -13.02
CA GLN A 224 -22.56 16.30 -13.54
C GLN A 224 -21.25 16.48 -14.31
N LYS A 225 -21.04 17.67 -14.86
CA LYS A 225 -19.82 17.95 -15.61
C LYS A 225 -18.60 17.96 -14.68
N VAL A 226 -18.71 18.68 -13.57
CA VAL A 226 -17.64 18.67 -12.58
C VAL A 226 -17.42 17.25 -12.06
N SER A 227 -18.50 16.56 -11.75
CA SER A 227 -18.41 15.18 -11.28
C SER A 227 -17.66 14.32 -12.28
N TYR A 228 -18.00 14.48 -13.56
CA TYR A 228 -17.36 13.66 -14.58
C TYR A 228 -15.88 13.97 -14.75
N ILE A 229 -15.53 15.26 -14.74
CA ILE A 229 -14.13 15.64 -14.87
C ILE A 229 -13.28 14.90 -13.82
N MET A 230 -13.76 14.92 -12.59
CA MET A 230 -13.01 14.34 -11.47
C MET A 230 -13.25 12.83 -11.30
N GLY A 231 -14.48 12.40 -11.60
CA GLY A 231 -14.92 11.05 -11.23
C GLY A 231 -15.31 10.13 -12.38
N GLY A 232 -15.31 10.64 -13.60
CA GLY A 232 -15.63 9.80 -14.75
C GLY A 232 -14.71 8.60 -14.88
N LYS A 233 -13.42 8.81 -14.63
CA LYS A 233 -12.44 7.74 -14.76
C LYS A 233 -12.71 6.59 -13.79
N LEU A 234 -12.93 6.92 -12.51
CA LEU A 234 -13.23 5.88 -11.53
C LEU A 234 -14.58 5.23 -11.78
N THR A 235 -15.58 6.03 -12.15
CA THR A 235 -16.90 5.48 -12.40
C THR A 235 -16.80 4.45 -13.54
N ASN A 236 -16.09 4.80 -14.61
CA ASN A 236 -15.91 3.87 -15.72
C ASN A 236 -15.18 2.60 -15.28
N ARG A 237 -14.16 2.77 -14.46
CA ARG A 237 -13.38 1.63 -14.01
C ARG A 237 -14.22 0.65 -13.20
N MET A 238 -15.05 1.18 -12.31
CA MET A 238 -15.90 0.32 -11.51
C MET A 238 -16.87 -0.46 -12.39
N ILE A 239 -17.46 0.20 -13.37
CA ILE A 239 -18.40 -0.50 -14.24
C ILE A 239 -17.64 -1.56 -15.06
N GLU A 240 -16.45 -1.20 -15.51
CA GLU A 240 -15.59 -2.15 -16.20
C GLU A 240 -15.28 -3.37 -15.29
N ASP A 241 -15.09 -3.13 -13.99
CA ASP A 241 -14.90 -4.25 -13.05
C ASP A 241 -16.09 -5.21 -13.07
N LEU A 242 -17.30 -4.64 -13.10
CA LEU A 242 -18.52 -5.45 -13.19
C LEU A 242 -18.47 -6.29 -14.45
N ASN A 243 -18.07 -5.66 -15.55
CA ASN A 243 -18.03 -6.37 -16.83
C ASN A 243 -16.99 -7.46 -16.84
N ASN A 244 -15.87 -7.22 -16.16
CA ASN A 244 -14.80 -8.20 -16.13
C ASN A 244 -15.17 -9.43 -15.29
N ALA A 245 -16.14 -9.27 -14.42
CA ALA A 245 -16.62 -10.40 -13.64
C ALA A 245 -17.51 -11.31 -14.48
N VAL A 246 -17.99 -10.79 -15.61
CA VAL A 246 -18.90 -11.53 -16.47
C VAL A 246 -18.18 -12.08 -17.70
N ASN A 247 -17.24 -11.29 -18.23
CA ASN A 247 -16.59 -11.63 -19.49
C ASN A 247 -15.40 -12.57 -19.32
N GLY A 248 -15.11 -12.94 -18.08
CA GLY A 248 -14.04 -13.87 -17.79
C GLY A 248 -12.67 -13.24 -17.63
N LYS A 249 -12.59 -11.93 -17.83
CA LYS A 249 -11.29 -11.26 -17.81
C LYS A 249 -10.70 -11.19 -16.41
N SER A 250 -11.55 -11.18 -15.39
CA SER A 250 -11.07 -11.05 -14.01
C SER A 250 -11.72 -12.04 -13.05
N LYS A 251 -10.94 -12.51 -12.09
CA LYS A 251 -11.44 -13.47 -11.12
C LYS A 251 -11.71 -12.85 -9.75
N TYR A 252 -11.50 -11.54 -9.62
CA TYR A 252 -11.81 -10.88 -8.36
C TYR A 252 -13.29 -11.03 -8.01
N LYS A 253 -13.56 -11.22 -6.72
CA LYS A 253 -14.91 -11.17 -6.18
C LYS A 253 -15.29 -9.74 -5.80
N MET A 254 -14.30 -8.92 -5.50
CA MET A 254 -14.53 -7.55 -5.10
C MET A 254 -13.35 -6.69 -5.51
N THR A 255 -13.62 -5.49 -5.98
CA THR A 255 -12.59 -4.46 -6.09
C THR A 255 -12.96 -3.36 -5.12
N TYR A 256 -11.97 -2.82 -4.43
CA TYR A 256 -12.24 -1.86 -3.36
C TYR A 256 -11.29 -0.67 -3.53
N TYR A 257 -11.89 0.50 -3.73
CA TYR A 257 -11.14 1.76 -3.89
C TYR A 257 -11.24 2.57 -2.59
N SER A 258 -10.12 2.72 -1.90
CA SER A 258 -10.08 3.48 -0.64
C SER A 258 -9.82 4.95 -0.92
N GLY A 259 -10.82 5.77 -0.61
CA GLY A 259 -10.78 7.16 -1.03
C GLY A 259 -11.30 8.15 -0.01
N HIS A 260 -11.87 9.23 -0.53
CA HIS A 260 -12.14 10.44 0.23
C HIS A 260 -13.60 10.85 0.02
N ASP A 261 -14.06 11.88 0.75
CA ASP A 261 -15.43 12.36 0.52
C ASP A 261 -15.63 12.69 -0.96
N LEU A 262 -14.65 13.35 -1.57
CA LEU A 262 -14.76 13.74 -2.98
C LEU A 262 -14.90 12.52 -3.89
N THR A 263 -14.24 11.42 -3.54
CA THR A 263 -14.32 10.21 -4.37
C THR A 263 -15.78 9.74 -4.47
N LEU A 264 -16.45 9.68 -3.33
CA LEU A 264 -17.86 9.29 -3.28
C LEU A 264 -18.72 10.31 -4.00
N LEU A 265 -18.49 11.58 -3.74
CA LEU A 265 -19.29 12.63 -4.37
C LEU A 265 -19.15 12.59 -5.88
N GLU A 266 -17.93 12.40 -6.38
CA GLU A 266 -17.71 12.49 -7.82
C GLU A 266 -18.32 11.28 -8.57
N VAL A 267 -18.27 10.10 -7.96
CA VAL A 267 -18.85 8.93 -8.62
C VAL A 267 -20.37 9.03 -8.61
N MET A 268 -20.95 9.35 -7.46
CA MET A 268 -22.40 9.53 -7.37
C MET A 268 -22.86 10.64 -8.32
N GLY A 269 -22.09 11.73 -8.35
CA GLY A 269 -22.42 12.83 -9.24
C GLY A 269 -22.29 12.45 -10.70
N THR A 270 -21.31 11.62 -11.02
CA THR A 270 -21.11 11.17 -12.40
C THR A 270 -22.29 10.33 -12.87
N LEU A 271 -22.81 9.49 -11.98
CA LEU A 271 -23.93 8.60 -12.28
C LEU A 271 -25.27 9.32 -12.29
N GLY A 272 -25.26 10.62 -12.01
CA GLY A 272 -26.48 11.40 -12.06
C GLY A 272 -27.32 11.25 -10.81
N VAL A 273 -26.71 10.77 -9.73
CA VAL A 273 -27.41 10.72 -8.46
C VAL A 273 -26.58 11.41 -7.38
N PRO A 274 -26.29 12.70 -7.58
CA PRO A 274 -25.39 13.42 -6.67
C PRO A 274 -25.95 13.46 -5.26
N LEU A 275 -25.07 13.36 -4.26
CA LEU A 275 -25.50 13.38 -2.88
C LEU A 275 -25.98 14.76 -2.47
N ASP A 276 -26.99 14.80 -1.60
CA ASP A 276 -27.47 16.05 -1.02
C ASP A 276 -26.62 16.48 0.18
N THR A 277 -25.98 15.52 0.83
CA THR A 277 -25.17 15.76 2.01
C THR A 277 -23.74 15.30 1.79
N ALA A 278 -22.77 16.05 2.29
CA ALA A 278 -21.39 15.59 2.18
C ALA A 278 -21.21 14.29 2.99
N PRO A 279 -20.50 13.32 2.41
CA PRO A 279 -20.31 12.01 3.03
C PRO A 279 -19.61 12.12 4.38
N GLY A 280 -20.15 11.48 5.41
CA GLY A 280 -19.50 11.42 6.71
C GLY A 280 -18.36 10.42 6.70
N TYR A 281 -17.63 10.31 7.81
CA TYR A 281 -16.52 9.37 7.86
C TYR A 281 -16.97 7.93 7.62
N ALA A 282 -16.15 7.18 6.89
CA ALA A 282 -16.45 5.77 6.57
C ALA A 282 -17.73 5.58 5.76
N SER A 283 -18.15 6.62 5.05
CA SER A 283 -19.24 6.46 4.09
C SER A 283 -18.75 5.51 3.02
N ASN A 284 -19.68 4.83 2.36
CA ASN A 284 -19.26 3.82 1.40
C ASN A 284 -20.31 3.58 0.34
N LEU A 285 -19.85 3.18 -0.83
CA LEU A 285 -20.70 2.90 -1.97
CA LEU A 285 -20.76 2.84 -1.90
C LEU A 285 -20.36 1.52 -2.53
N GLU A 286 -21.37 0.73 -2.89
CA GLU A 286 -21.13 -0.58 -3.47
C GLU A 286 -21.95 -0.75 -4.73
N MET A 287 -21.28 -1.18 -5.81
CA MET A 287 -21.98 -1.62 -7.00
C MET A 287 -22.05 -3.14 -6.88
N GLU A 288 -23.25 -3.69 -6.79
CA GLU A 288 -23.44 -5.13 -6.64
C GLU A 288 -23.89 -5.76 -7.96
N LEU A 289 -23.23 -6.86 -8.34
CA LEU A 289 -23.58 -7.56 -9.57
C LEU A 289 -24.17 -8.93 -9.24
N TYR A 290 -25.38 -9.18 -9.78
CA TYR A 290 -26.10 -10.42 -9.53
C TYR A 290 -26.28 -11.22 -10.81
N LYS A 291 -26.25 -12.54 -10.67
CA LYS A 291 -26.51 -13.43 -11.79
C LYS A 291 -27.71 -14.34 -11.52
N ASP A 292 -28.70 -14.28 -12.40
CA ASP A 292 -29.78 -15.26 -12.42
C ASP A 292 -29.76 -15.91 -13.80
N GLY A 293 -29.07 -17.03 -13.89
CA GLY A 293 -28.91 -17.69 -15.18
C GLY A 293 -28.10 -16.84 -16.14
N ASP A 294 -28.69 -16.50 -17.27
CA ASP A 294 -28.01 -15.70 -18.28
C ASP A 294 -28.23 -14.21 -18.04
N ILE A 295 -29.02 -13.88 -17.02
CA ILE A 295 -29.37 -12.48 -16.77
C ILE A 295 -28.54 -11.88 -15.64
N TYR A 296 -27.96 -10.71 -15.91
CA TYR A 296 -27.13 -10.02 -14.92
C TYR A 296 -27.80 -8.71 -14.52
N THR A 297 -27.88 -8.47 -13.22
CA THR A 297 -28.54 -7.29 -12.69
C THR A 297 -27.61 -6.55 -11.73
N VAL A 298 -27.76 -5.23 -11.68
CA VAL A 298 -26.92 -4.40 -10.84
C VAL A 298 -27.75 -3.62 -9.83
N LYS A 299 -27.23 -3.48 -8.62
CA LYS A 299 -27.82 -2.58 -7.63
C LYS A 299 -26.72 -1.66 -7.12
N LEU A 300 -27.12 -0.47 -6.69
CA LEU A 300 -26.19 0.55 -6.21
C LEU A 300 -26.52 0.87 -4.76
N ARG A 301 -25.58 0.66 -3.86
CA ARG A 301 -25.84 0.87 -2.44
CA ARG A 301 -25.82 0.85 -2.43
C ARG A 301 -24.95 1.97 -1.90
N TYR A 302 -25.56 2.92 -1.18
CA TYR A 302 -24.78 4.00 -0.58
C TYR A 302 -25.17 4.13 0.89
N ASN A 303 -24.17 4.02 1.77
CA ASN A 303 -24.40 4.11 3.20
C ASN A 303 -25.58 3.26 3.67
N GLY A 304 -25.65 2.02 3.20
CA GLY A 304 -26.62 1.07 3.72
C GLY A 304 -27.97 1.02 3.04
N LYS A 305 -28.16 1.86 2.02
CA LYS A 305 -29.46 1.96 1.36
C LYS A 305 -29.29 1.93 -0.15
N TYR A 306 -30.19 1.24 -0.84
CA TYR A 306 -30.13 1.18 -2.29
C TYR A 306 -30.46 2.52 -2.92
N VAL A 307 -29.84 2.79 -4.06
CA VAL A 307 -29.99 4.06 -4.74
C VAL A 307 -30.57 3.78 -6.12
N LYS A 308 -31.57 4.59 -6.51
CA LYS A 308 -32.25 4.34 -7.77
C LYS A 308 -31.69 5.25 -8.87
N LEU A 309 -30.90 4.66 -9.75
CA LEU A 309 -30.48 5.35 -10.96
C LEU A 309 -31.76 5.55 -11.78
N PRO A 310 -31.75 6.57 -12.66
CA PRO A 310 -32.88 6.83 -13.56
C PRO A 310 -33.26 5.60 -14.38
N ILE A 311 -32.29 4.73 -14.64
CA ILE A 311 -32.55 3.57 -15.48
C ILE A 311 -33.04 2.35 -14.70
N MET A 312 -33.17 2.49 -13.40
CA MET A 312 -33.55 1.34 -12.57
C MET A 312 -35.05 1.19 -12.39
N ASP A 313 -35.47 -0.03 -12.08
CA ASP A 313 -36.89 -0.34 -11.92
C ASP A 313 -37.35 -0.14 -10.48
N LYS A 314 -38.56 -0.62 -10.20
CA LYS A 314 -39.16 -0.48 -8.88
C LYS A 314 -38.27 -1.06 -7.78
N ASN A 315 -37.47 -2.06 -8.14
CA ASN A 315 -36.65 -2.76 -7.18
C ASN A 315 -35.22 -2.24 -7.10
N ASN A 316 -35.02 -1.00 -7.56
CA ASN A 316 -33.70 -0.39 -7.52
C ASN A 316 -32.67 -1.26 -8.22
N SER A 317 -33.04 -1.75 -9.40
CA SER A 317 -32.17 -2.64 -10.15
C SER A 317 -32.28 -2.39 -11.64
N CYS A 318 -31.20 -2.71 -12.35
CA CYS A 318 -31.20 -2.65 -13.80
C CYS A 318 -30.29 -3.76 -14.31
N SER A 319 -30.42 -4.08 -15.59
CA SER A 319 -29.51 -5.06 -16.20
C SER A 319 -28.14 -4.42 -16.33
N LEU A 320 -27.11 -5.26 -16.37
CA LEU A 320 -25.77 -4.78 -16.61
C LEU A 320 -25.69 -4.15 -18.00
N ASP A 321 -26.36 -4.73 -18.98
CA ASP A 321 -26.43 -4.12 -20.31
C ASP A 321 -26.95 -2.69 -20.20
N ALA A 322 -28.02 -2.49 -19.44
CA ALA A 322 -28.59 -1.16 -19.25
C ALA A 322 -27.58 -0.21 -18.63
N LEU A 323 -26.86 -0.70 -17.61
CA LEU A 323 -25.88 0.14 -16.92
C LEU A 323 -24.79 0.57 -17.90
N ASN A 324 -24.37 -0.38 -18.73
CA ASN A 324 -23.36 -0.11 -19.75
C ASN A 324 -23.82 0.96 -20.71
N LYS A 325 -25.03 0.83 -21.22
CA LYS A 325 -25.57 1.83 -22.15
C LYS A 325 -25.69 3.19 -21.48
N TYR A 326 -26.18 3.19 -20.23
CA TYR A 326 -26.28 4.41 -19.44
C TYR A 326 -24.93 5.10 -19.30
N MET A 327 -23.91 4.33 -18.91
CA MET A 327 -22.57 4.89 -18.78
C MET A 327 -22.04 5.38 -20.13
N GLN A 328 -22.28 4.62 -21.20
CA GLN A 328 -21.80 4.99 -22.52
C GLN A 328 -22.33 6.37 -22.90
N SER A 329 -23.59 6.62 -22.56
CA SER A 329 -24.19 7.89 -22.92
C SER A 329 -23.54 9.02 -22.12
N ILE A 330 -23.36 8.80 -20.83
CA ILE A 330 -22.68 9.78 -20.00
C ILE A 330 -21.33 10.13 -20.60
N ASN A 331 -20.59 9.10 -21.01
CA ASN A 331 -19.31 9.30 -21.67
C ASN A 331 -19.43 10.16 -22.92
N GLU A 332 -20.35 9.79 -23.81
CA GLU A 332 -20.57 10.54 -25.02
C GLU A 332 -20.99 11.97 -24.69
N LYS A 333 -21.74 12.12 -23.60
CA LYS A 333 -22.18 13.43 -23.13
C LYS A 333 -21.01 14.31 -22.71
N PHE A 334 -19.97 13.69 -22.13
CA PHE A 334 -18.78 14.41 -21.72
C PHE A 334 -17.54 13.81 -22.39
N SER B 6 27.23 7.54 22.28
CA SER B 6 26.70 7.56 20.92
C SER B 6 25.33 6.90 20.86
N LYS B 7 24.41 7.51 20.14
CA LYS B 7 23.02 7.05 20.12
C LYS B 7 22.54 6.78 18.69
N LEU B 8 21.82 5.68 18.50
CA LEU B 8 21.23 5.40 17.19
C LEU B 8 20.11 6.40 16.95
N ILE B 9 20.16 7.12 15.82
CA ILE B 9 19.14 8.15 15.59
C ILE B 9 18.25 7.88 14.37
N PHE B 10 18.66 6.96 13.51
CA PHE B 10 17.92 6.65 12.29
C PHE B 10 18.37 5.35 11.67
N VAL B 11 17.44 4.63 11.04
CA VAL B 11 17.77 3.42 10.27
C VAL B 11 17.05 3.42 8.94
N SER B 12 17.74 3.09 7.86
CA SER B 12 17.05 2.78 6.61
C SER B 12 17.21 1.28 6.30
N MET B 13 16.10 0.63 5.94
CA MET B 13 16.08 -0.82 5.82
C MET B 13 15.50 -1.29 4.47
N ILE B 14 16.08 -2.35 3.94
CA ILE B 14 15.48 -3.08 2.83
C ILE B 14 15.25 -4.52 3.26
N THR B 15 14.11 -5.09 2.87
CA THR B 15 13.90 -6.53 3.00
C THR B 15 13.69 -7.20 1.65
N ARG B 16 14.12 -8.45 1.56
CA ARG B 16 13.53 -9.35 0.56
C ARG B 16 12.23 -9.89 1.17
N HIS B 17 11.21 -10.10 0.34
CA HIS B 17 9.96 -10.66 0.83
C HIS B 17 10.13 -12.10 1.31
N GLY B 18 9.06 -12.65 1.87
CA GLY B 18 9.11 -13.99 2.44
C GLY B 18 8.87 -15.09 1.41
N ASP B 19 8.84 -16.31 1.92
CA ASP B 19 8.52 -17.48 1.11
C ASP B 19 7.32 -17.25 0.22
N ARG B 20 7.44 -17.62 -1.05
CA ARG B 20 6.37 -17.44 -2.02
C ARG B 20 6.22 -18.72 -2.84
N ALA B 21 5.09 -18.83 -3.53
CA ALA B 21 4.91 -19.83 -4.58
C ALA B 21 5.85 -19.46 -5.73
N PRO B 22 6.08 -20.39 -6.67
CA PRO B 22 6.91 -19.99 -7.80
C PRO B 22 6.10 -19.15 -8.80
N PHE B 23 6.74 -18.70 -9.87
CA PHE B 23 6.07 -18.00 -10.97
C PHE B 23 5.73 -18.93 -12.10
N ALA B 24 6.49 -20.00 -12.20
CA ALA B 24 6.37 -20.91 -13.33
C ALA B 24 6.24 -22.33 -12.81
N ASN B 25 5.91 -23.26 -13.71
CA ASN B 25 5.87 -24.63 -13.26
C ASN B 25 6.85 -25.51 -14.02
N ILE B 26 7.27 -26.57 -13.35
CA ILE B 26 8.05 -27.61 -14.01
C ILE B 26 7.09 -28.49 -14.77
N GLU B 27 7.31 -28.59 -16.08
CA GLU B 27 6.34 -29.24 -16.97
C GLU B 27 6.03 -30.66 -16.54
N ASN B 28 7.06 -31.37 -16.09
CA ASN B 28 6.92 -32.81 -15.84
C ASN B 28 6.64 -33.12 -14.38
N ALA B 29 6.34 -32.08 -13.58
CA ALA B 29 5.90 -32.30 -12.21
C ALA B 29 4.44 -31.85 -12.02
N ASN B 30 3.81 -32.34 -10.95
CA ASN B 30 2.46 -31.90 -10.59
C ASN B 30 2.40 -31.35 -9.18
N TYR B 31 3.22 -30.34 -8.91
CA TYR B 31 3.21 -29.72 -7.61
C TYR B 31 1.92 -28.92 -7.43
N SER B 32 1.33 -29.01 -6.25
CA SER B 32 0.25 -28.09 -5.92
C SER B 32 0.66 -27.31 -4.66
N TRP B 33 0.73 -26.00 -4.79
CA TRP B 33 1.33 -25.17 -3.75
C TRP B 33 0.42 -24.78 -2.57
N GLY B 34 -0.89 -24.77 -2.80
CA GLY B 34 -1.80 -24.29 -1.77
C GLY B 34 -1.90 -22.77 -1.75
N THR B 35 -1.08 -22.11 -2.56
CA THR B 35 -1.23 -20.65 -2.79
C THR B 35 -1.02 -20.37 -4.29
N GLU B 36 -1.60 -19.28 -4.77
CA GLU B 36 -1.50 -18.91 -6.18
C GLU B 36 -0.07 -18.64 -6.58
N LEU B 37 0.28 -18.95 -7.83
CA LEU B 37 1.63 -18.60 -8.31
C LEU B 37 1.92 -17.15 -8.00
N SER B 38 3.18 -16.88 -7.62
CA SER B 38 3.71 -15.54 -7.28
C SER B 38 3.34 -15.01 -5.89
N GLU B 39 2.36 -15.61 -5.22
CA GLU B 39 1.87 -15.02 -3.97
C GLU B 39 2.71 -15.45 -2.78
N LEU B 40 2.74 -14.61 -1.75
CA LEU B 40 3.42 -14.97 -0.51
C LEU B 40 2.64 -16.09 0.18
N THR B 41 3.35 -17.08 0.73
CA THR B 41 2.68 -18.17 1.43
C THR B 41 2.51 -17.82 2.91
N PRO B 42 1.71 -18.62 3.63
CA PRO B 42 1.65 -18.44 5.09
C PRO B 42 3.05 -18.53 5.71
N ILE B 43 3.89 -19.43 5.18
CA ILE B 43 5.27 -19.53 5.66
C ILE B 43 6.01 -18.20 5.47
N GLY B 44 5.80 -17.56 4.33
CA GLY B 44 6.40 -16.26 4.05
C GLY B 44 5.91 -15.15 4.99
N MET B 45 4.61 -15.15 5.31
CA MET B 45 4.06 -14.18 6.26
C MET B 45 4.73 -14.34 7.62
N ASN B 46 4.87 -15.60 8.02
CA ASN B 46 5.49 -15.95 9.30
C ASN B 46 6.95 -15.51 9.36
N GLN B 47 7.68 -15.70 8.26
CA GLN B 47 9.08 -15.32 8.23
C GLN B 47 9.22 -13.82 8.41
N GLU B 48 8.35 -13.06 7.76
CA GLU B 48 8.45 -11.61 7.86
C GLU B 48 7.98 -11.12 9.22
N TYR B 49 6.91 -11.72 9.72
CA TYR B 49 6.41 -11.43 11.06
C TYR B 49 7.52 -11.66 12.07
N ASN B 50 8.21 -12.80 11.98
CA ASN B 50 9.30 -13.08 12.91
C ASN B 50 10.47 -12.11 12.76
N LEU B 51 10.76 -11.66 11.55
CA LEU B 51 11.80 -10.63 11.36
C LEU B 51 11.35 -9.35 12.07
N GLY B 52 10.07 -9.02 11.93
CA GLY B 52 9.53 -7.85 12.62
C GLY B 52 9.72 -7.93 14.13
N LEU B 53 9.43 -9.09 14.72
CA LEU B 53 9.67 -9.30 16.15
C LEU B 53 11.13 -9.05 16.52
N GLN B 54 12.04 -9.55 15.68
CA GLN B 54 13.47 -9.40 15.91
C GLN B 54 13.90 -7.94 15.83
N LEU B 55 13.32 -7.22 14.87
CA LEU B 55 13.60 -5.79 14.72
C LEU B 55 13.07 -4.97 15.89
N ARG B 56 11.95 -5.39 16.46
CA ARG B 56 11.43 -4.77 17.67
C ARG B 56 12.44 -4.96 18.81
N LYS B 57 12.97 -6.18 18.94
CA LYS B 57 13.93 -6.43 20.02
C LYS B 57 15.18 -5.58 19.84
N ARG B 58 15.54 -5.32 18.59
CA ARG B 58 16.75 -4.55 18.31
C ARG B 58 16.52 -3.04 18.39
N TYR B 59 15.59 -2.53 17.59
CA TYR B 59 15.46 -1.09 17.44
C TYR B 59 14.54 -0.43 18.44
N ILE B 60 13.71 -1.22 19.11
CA ILE B 60 12.88 -0.70 20.19
C ILE B 60 13.49 -1.06 21.54
N ASP B 61 13.60 -2.36 21.83
CA ASP B 61 14.09 -2.79 23.14
C ASP B 61 15.54 -2.43 23.43
N LYS B 62 16.42 -2.72 22.48
CA LYS B 62 17.86 -2.60 22.71
C LYS B 62 18.37 -1.18 22.50
N PHE B 63 18.08 -0.60 21.34
CA PHE B 63 18.56 0.74 21.01
C PHE B 63 17.59 1.87 21.40
N GLY B 64 16.31 1.53 21.57
CA GLY B 64 15.31 2.54 21.90
C GLY B 64 15.22 3.65 20.87
N LEU B 65 15.61 3.35 19.63
CA LEU B 65 15.41 4.30 18.53
C LEU B 65 13.93 4.58 18.38
N LEU B 66 13.15 3.50 18.38
CA LEU B 66 11.69 3.58 18.19
C LEU B 66 10.97 3.28 19.51
N PRO B 67 9.79 3.89 19.71
CA PRO B 67 9.00 3.66 20.91
C PRO B 67 8.20 2.34 20.83
N GLU B 68 7.70 1.88 21.97
CA GLU B 68 6.96 0.62 22.02
C GLU B 68 5.61 0.72 21.32
N HIS B 69 5.03 1.92 21.30
CA HIS B 69 3.76 2.16 20.61
C HIS B 69 3.95 3.06 19.41
N TYR B 70 3.37 2.67 18.28
CA TYR B 70 3.71 3.35 17.03
C TYR B 70 3.36 4.82 17.02
N VAL B 71 4.31 5.64 16.59
CA VAL B 71 4.11 7.09 16.50
C VAL B 71 3.85 7.44 15.04
N ASP B 72 2.76 8.13 14.76
CA ASP B 72 2.46 8.44 13.37
C ASP B 72 3.58 9.28 12.73
N GLN B 73 3.87 8.95 11.48
CA GLN B 73 4.91 9.59 10.67
C GLN B 73 6.32 9.32 11.19
N SER B 74 6.48 8.28 12.01
CA SER B 74 7.80 7.88 12.49
C SER B 74 8.51 6.91 11.53
N ILE B 75 7.75 6.16 10.74
CA ILE B 75 8.35 5.21 9.82
C ILE B 75 7.75 5.40 8.44
N TYR B 76 8.59 5.53 7.43
CA TYR B 76 8.09 5.58 6.07
C TYR B 76 8.31 4.22 5.45
N VAL B 77 7.25 3.62 4.92
CA VAL B 77 7.35 2.30 4.28
C VAL B 77 6.89 2.40 2.84
N LEU B 78 7.75 1.92 1.95
CA LEU B 78 7.53 1.94 0.51
C LEU B 78 7.83 0.56 -0.04
N SER B 79 6.90 0.03 -0.82
CA SER B 79 7.02 -1.32 -1.35
C SER B 79 6.98 -1.28 -2.87
N SER B 80 7.58 -2.28 -3.51
CA SER B 80 7.35 -2.44 -4.94
C SER B 80 5.88 -2.79 -5.14
N HIS B 81 5.43 -2.71 -6.39
CA HIS B 81 4.02 -2.88 -6.71
C HIS B 81 3.70 -4.34 -6.92
N THR B 82 3.83 -5.13 -5.86
CA THR B 82 3.47 -6.56 -5.90
C THR B 82 2.78 -6.96 -4.61
N ASN B 83 1.88 -7.95 -4.69
CA ASN B 83 1.21 -8.43 -3.50
C ASN B 83 2.21 -8.95 -2.49
N ARG B 84 3.20 -9.71 -2.97
CA ARG B 84 4.13 -10.37 -2.06
C ARG B 84 4.97 -9.38 -1.23
N THR B 85 5.37 -8.27 -1.83
CA THR B 85 6.18 -7.29 -1.08
C THR B 85 5.32 -6.44 -0.17
N VAL B 86 4.08 -6.15 -0.57
CA VAL B 86 3.19 -5.40 0.33
C VAL B 86 2.83 -6.27 1.52
N VAL B 87 2.47 -7.52 1.25
CA VAL B 87 2.07 -8.42 2.33
C VAL B 87 3.26 -8.72 3.23
N SER B 88 4.45 -8.82 2.65
CA SER B 88 5.65 -9.00 3.47
C SER B 88 5.84 -7.83 4.42
N ALA B 89 5.70 -6.60 3.91
CA ALA B 89 5.84 -5.41 4.75
C ALA B 89 4.79 -5.39 5.86
N GLN B 90 3.53 -5.66 5.51
CA GLN B 90 2.45 -5.70 6.50
CA GLN B 90 2.49 -5.67 6.52
C GLN B 90 2.79 -6.72 7.60
N SER B 91 3.24 -7.89 7.17
CA SER B 91 3.55 -8.97 8.10
C SER B 91 4.70 -8.57 9.02
N LEU B 92 5.74 -7.99 8.45
CA LEU B 92 6.88 -7.54 9.24
C LEU B 92 6.40 -6.52 10.26
N LEU B 93 5.55 -5.58 9.83
CA LEU B 93 5.10 -4.53 10.74
C LEU B 93 4.22 -5.08 11.85
N MET B 94 3.58 -6.23 11.60
CA MET B 94 2.79 -6.90 12.64
CA MET B 94 2.80 -6.90 12.63
C MET B 94 3.72 -7.51 13.70
N GLY B 95 4.99 -7.65 13.36
CA GLY B 95 5.97 -8.09 14.34
C GLY B 95 6.64 -6.90 15.02
N LEU B 96 6.92 -5.87 14.24
CA LEU B 96 7.58 -4.68 14.79
C LEU B 96 6.68 -3.97 15.81
N TYR B 97 5.39 -3.85 15.46
CA TYR B 97 4.38 -3.25 16.33
C TYR B 97 3.21 -4.22 16.43
N PRO B 98 3.33 -5.19 17.34
CA PRO B 98 2.44 -6.36 17.42
C PRO B 98 1.08 -6.03 18.01
N ALA B 99 0.15 -6.96 17.82
CA ALA B 99 -1.12 -6.91 18.50
C ALA B 99 -0.86 -6.60 19.97
N GLY B 100 -1.66 -5.73 20.54
CA GLY B 100 -1.51 -5.34 21.93
C GLY B 100 -0.91 -3.95 22.06
N THR B 101 -0.28 -3.48 21.00
CA THR B 101 0.36 -2.15 21.03
C THR B 101 -0.40 -1.07 20.27
N GLY B 102 -1.42 -1.48 19.53
CA GLY B 102 -2.22 -0.54 18.76
C GLY B 102 -3.01 0.41 19.62
N PRO B 103 -3.56 1.48 19.01
CA PRO B 103 -4.15 2.59 19.76
C PRO B 103 -5.46 2.21 20.42
N LEU B 104 -5.75 2.92 21.51
CA LEU B 104 -7.01 2.80 22.21
C LEU B 104 -7.91 3.97 21.86
N ILE B 105 -9.22 3.77 22.01
CA ILE B 105 -10.16 4.86 21.95
C ILE B 105 -10.92 4.94 23.28
N GLY B 106 -11.79 5.93 23.41
CA GLY B 106 -12.63 6.03 24.59
C GLY B 106 -11.90 5.67 25.87
N ASP B 107 -12.46 4.75 26.65
CA ASP B 107 -11.85 4.36 27.92
C ASP B 107 -11.01 3.10 27.83
N GLY B 108 -9.92 3.19 27.07
CA GLY B 108 -8.99 2.08 26.96
C GLY B 108 -9.52 0.94 26.12
N ASP B 109 -10.54 1.22 25.30
CA ASP B 109 -11.08 0.23 24.39
C ASP B 109 -10.33 0.29 23.07
N PRO B 110 -9.95 -0.87 22.53
CA PRO B 110 -9.05 -0.92 21.37
C PRO B 110 -9.69 -0.33 20.12
N ALA B 111 -8.91 0.41 19.35
CA ALA B 111 -9.41 0.95 18.10
C ALA B 111 -9.73 -0.21 17.15
N ILE B 112 -8.90 -1.23 17.20
CA ILE B 112 -9.10 -2.44 16.40
C ILE B 112 -8.96 -3.63 17.33
N LYS B 113 -9.82 -4.64 17.17
CA LYS B 113 -9.76 -5.80 18.04
C LYS B 113 -8.32 -6.30 18.18
N ASP B 114 -7.96 -6.67 19.40
CA ASP B 114 -6.62 -7.18 19.72
C ASP B 114 -5.56 -6.08 19.63
N ARG B 115 -6.01 -4.83 19.58
CA ARG B 115 -5.11 -3.68 19.50
C ARG B 115 -4.10 -3.85 18.37
N PHE B 116 -4.59 -4.21 17.19
CA PHE B 116 -3.75 -4.18 15.99
CA PHE B 116 -3.74 -4.19 16.01
C PHE B 116 -3.27 -2.76 15.73
N GLN B 117 -2.08 -2.63 15.15
CA GLN B 117 -1.54 -1.31 14.79
C GLN B 117 -1.41 -1.19 13.28
N PRO B 118 -2.32 -0.43 12.64
CA PRO B 118 -2.07 -0.16 11.22
C PRO B 118 -0.89 0.79 11.05
N ILE B 119 -0.06 0.53 10.05
CA ILE B 119 1.05 1.41 9.71
C ILE B 119 1.03 1.51 8.19
N PRO B 120 0.96 2.74 7.65
CA PRO B 120 0.72 2.88 6.22
C PRO B 120 1.91 2.40 5.39
N ILE B 121 1.58 1.75 4.29
CA ILE B 121 2.56 1.27 3.32
C ILE B 121 2.18 1.89 2.00
N MET B 122 3.11 2.61 1.38
CA MET B 122 2.88 3.14 0.05
C MET B 122 3.45 2.13 -0.94
N THR B 123 2.90 2.07 -2.14
CA THR B 123 3.51 1.27 -3.20
C THR B 123 3.96 2.16 -4.33
N LEU B 124 5.10 1.82 -4.90
CA LEU B 124 5.53 2.41 -6.15
C LEU B 124 4.58 1.95 -7.23
N SER B 125 4.65 2.59 -8.39
CA SER B 125 3.92 2.13 -9.55
C SER B 125 4.61 0.87 -10.10
N ALA B 126 3.87 0.07 -10.85
CA ALA B 126 4.43 -1.13 -11.46
C ALA B 126 5.64 -0.81 -12.35
N ASP B 127 5.69 0.37 -12.95
CA ASP B 127 6.81 0.67 -13.85
C ASP B 127 7.94 1.42 -13.19
N SER B 128 7.85 1.62 -11.88
CA SER B 128 8.98 2.21 -11.16
C SER B 128 10.19 1.30 -11.21
N ARG B 129 11.36 1.90 -11.34
CA ARG B 129 12.60 1.14 -11.33
C ARG B 129 13.30 1.15 -9.96
N LEU B 130 12.69 1.78 -8.96
CA LEU B 130 13.39 1.99 -7.69
C LEU B 130 13.73 0.71 -6.95
N ILE B 131 12.70 -0.13 -6.72
CA ILE B 131 12.85 -1.31 -5.87
C ILE B 131 12.89 -2.60 -6.68
N GLN B 132 12.00 -2.70 -7.67
CA GLN B 132 12.01 -3.81 -8.60
C GLN B 132 12.17 -3.27 -10.01
N PHE B 133 13.29 -3.60 -10.63
CA PHE B 133 13.53 -3.20 -12.01
C PHE B 133 12.53 -3.95 -12.88
N PRO B 134 11.84 -3.23 -13.79
CA PRO B 134 10.88 -3.89 -14.68
C PRO B 134 11.51 -5.07 -15.42
N TYR B 135 10.78 -6.18 -15.52
CA TYR B 135 11.36 -7.47 -15.90
C TYR B 135 12.07 -7.48 -17.26
N GLU B 136 11.42 -6.94 -18.28
CA GLU B 136 11.99 -6.99 -19.62
C GLU B 136 13.25 -6.13 -19.64
N GLN B 137 13.23 -5.03 -18.89
CA GLN B 137 14.39 -4.15 -18.82
C GLN B 137 15.53 -4.84 -18.07
N TYR B 138 15.17 -5.58 -17.03
CA TYR B 138 16.14 -6.39 -16.28
C TYR B 138 16.79 -7.43 -17.19
N LEU B 139 15.98 -8.16 -17.94
CA LEU B 139 16.55 -9.15 -18.85
C LEU B 139 17.46 -8.50 -19.87
N ALA B 140 17.09 -7.30 -20.32
CA ALA B 140 17.90 -6.56 -21.28
C ALA B 140 19.28 -6.22 -20.71
N VAL B 141 19.32 -5.81 -19.45
CA VAL B 141 20.57 -5.52 -18.75
C VAL B 141 21.43 -6.78 -18.69
N LEU B 142 20.79 -7.89 -18.32
CA LEU B 142 21.50 -9.17 -18.27
C LEU B 142 22.07 -9.55 -19.62
N LYS B 143 21.27 -9.44 -20.68
CA LYS B 143 21.73 -9.83 -22.01
C LYS B 143 22.93 -8.99 -22.42
N LYS B 144 22.90 -7.73 -22.02
CA LYS B 144 23.90 -6.77 -22.44
C LYS B 144 25.21 -6.87 -21.66
N TYR B 145 25.10 -6.98 -20.34
CA TYR B 145 26.27 -6.91 -19.48
C TYR B 145 26.68 -8.24 -18.85
N VAL B 146 25.74 -9.16 -18.72
CA VAL B 146 26.00 -10.37 -17.94
C VAL B 146 26.17 -11.65 -18.78
N TYR B 147 25.23 -11.93 -19.68
CA TYR B 147 25.20 -13.25 -20.32
C TYR B 147 26.44 -13.55 -21.15
N ASN B 148 27.04 -12.49 -21.69
CA ASN B 148 28.20 -12.64 -22.55
C ASN B 148 29.52 -12.33 -21.83
N SER B 149 29.43 -12.08 -20.53
CA SER B 149 30.63 -11.88 -19.72
C SER B 149 31.38 -13.22 -19.62
N PRO B 150 32.70 -13.15 -19.40
CA PRO B 150 33.54 -14.35 -19.38
C PRO B 150 33.16 -15.31 -18.25
N GLU B 151 32.89 -14.80 -17.06
CA GLU B 151 32.47 -15.65 -15.95
C GLU B 151 31.20 -16.39 -16.30
N TRP B 152 30.24 -15.68 -16.92
CA TRP B 152 28.99 -16.31 -17.27
C TRP B 152 29.21 -17.39 -18.32
N GLN B 153 29.98 -17.06 -19.35
CA GLN B 153 30.26 -18.01 -20.43
C GLN B 153 30.99 -19.25 -19.91
N ASN B 154 31.99 -19.02 -19.07
CA ASN B 154 32.77 -20.12 -18.51
C ASN B 154 31.94 -21.06 -17.65
N LYS B 155 31.04 -20.49 -16.86
CA LYS B 155 30.20 -21.31 -16.01
C LYS B 155 29.21 -22.06 -16.89
N THR B 156 28.75 -21.38 -17.94
CA THR B 156 27.83 -21.99 -18.89
C THR B 156 28.44 -23.26 -19.50
N LYS B 157 29.69 -23.16 -19.92
CA LYS B 157 30.36 -24.32 -20.52
C LYS B 157 30.52 -25.46 -19.53
N GLU B 158 30.77 -25.11 -18.27
CA GLU B 158 30.91 -26.10 -17.22
C GLU B 158 29.60 -26.87 -17.03
N ALA B 159 28.48 -26.17 -17.12
CA ALA B 159 27.18 -26.75 -16.81
C ALA B 159 26.47 -27.35 -18.03
N ALA B 160 26.85 -26.86 -19.20
CA ALA B 160 26.21 -27.20 -20.47
C ALA B 160 26.02 -28.70 -20.74
N PRO B 161 26.99 -29.54 -20.34
CA PRO B 161 26.88 -30.99 -20.57
C PRO B 161 25.65 -31.62 -19.90
N ASN B 162 25.09 -30.92 -18.91
CA ASN B 162 23.91 -31.39 -18.20
C ASN B 162 22.56 -30.90 -18.77
N PHE B 163 22.60 -29.94 -19.68
CA PHE B 163 21.37 -29.30 -20.15
C PHE B 163 20.38 -30.27 -20.82
N ALA B 164 20.87 -31.12 -21.74
CA ALA B 164 20.00 -32.05 -22.44
C ALA B 164 19.25 -32.94 -21.46
N LYS B 165 20.00 -33.53 -20.53
CA LYS B 165 19.40 -34.37 -19.50
C LYS B 165 18.34 -33.63 -18.70
N TRP B 166 18.72 -32.48 -18.16
CA TRP B 166 17.80 -31.71 -17.33
C TRP B 166 16.55 -31.35 -18.12
N GLN B 167 16.73 -31.01 -19.39
CA GLN B 167 15.63 -30.67 -20.25
C GLN B 167 14.67 -31.84 -20.46
N GLN B 168 15.20 -33.03 -20.76
CA GLN B 168 14.34 -34.21 -20.93
C GLN B 168 13.66 -34.59 -19.63
N ILE B 169 14.34 -34.40 -18.51
CA ILE B 169 13.76 -34.76 -17.23
C ILE B 169 12.63 -33.81 -16.84
N LEU B 170 12.87 -32.51 -16.93
CA LEU B 170 11.95 -31.52 -16.39
C LEU B 170 10.85 -31.16 -17.39
N GLY B 171 11.19 -31.26 -18.68
CA GLY B 171 10.28 -30.90 -19.75
C GLY B 171 10.40 -29.44 -20.14
N ASN B 172 10.93 -28.63 -19.23
CA ASN B 172 11.17 -27.22 -19.49
C ASN B 172 12.37 -27.04 -20.40
N ARG B 173 12.36 -26.01 -21.23
CA ARG B 173 13.53 -25.74 -22.06
C ARG B 173 14.73 -25.44 -21.17
N ILE B 174 15.87 -26.05 -21.47
CA ILE B 174 17.11 -25.70 -20.79
C ILE B 174 18.21 -25.54 -21.81
N SER B 175 18.47 -24.31 -22.22
CA SER B 175 19.48 -24.07 -23.25
C SER B 175 20.51 -23.05 -22.81
N GLY B 176 20.47 -22.68 -21.52
CA GLY B 176 21.48 -21.80 -20.97
C GLY B 176 21.26 -21.61 -19.48
N LEU B 177 22.18 -20.89 -18.83
CA LEU B 177 22.09 -20.66 -17.39
C LEU B 177 20.83 -19.90 -17.02
N ASN B 178 20.36 -19.03 -17.90
CA ASN B 178 19.13 -18.31 -17.63
C ASN B 178 17.97 -19.28 -17.40
N ASP B 179 17.91 -20.34 -18.21
CA ASP B 179 16.88 -21.37 -18.04
C ASP B 179 17.08 -22.20 -16.78
N VAL B 180 18.34 -22.43 -16.41
CA VAL B 180 18.64 -23.16 -15.19
C VAL B 180 18.10 -22.37 -14.00
N ILE B 181 18.38 -21.07 -14.00
CA ILE B 181 17.87 -20.19 -12.94
C ILE B 181 16.35 -20.23 -12.89
N THR B 182 15.72 -20.25 -14.06
CA THR B 182 14.28 -20.31 -14.15
C THR B 182 13.69 -21.53 -13.47
N VAL B 183 14.15 -22.73 -13.84
CA VAL B 183 13.61 -23.94 -13.20
C VAL B 183 14.16 -24.11 -11.79
N GLY B 184 15.34 -23.55 -11.54
CA GLY B 184 15.95 -23.62 -10.22
C GLY B 184 15.05 -23.00 -9.17
N ASP B 185 14.35 -21.92 -9.54
CA ASP B 185 13.45 -21.32 -8.55
C ASP B 185 12.36 -22.29 -8.14
N VAL B 186 11.87 -23.08 -9.09
CA VAL B 186 10.79 -23.98 -8.76
C VAL B 186 11.31 -25.05 -7.81
N LEU B 187 12.54 -25.50 -8.04
CA LEU B 187 13.14 -26.52 -7.19
C LEU B 187 13.36 -25.98 -5.76
N ILE B 188 13.73 -24.71 -5.68
CA ILE B 188 13.94 -24.06 -4.37
C ILE B 188 12.63 -24.00 -3.58
N VAL B 189 11.56 -23.58 -4.24
CA VAL B 189 10.24 -23.57 -3.62
C VAL B 189 9.84 -25.00 -3.21
N ALA B 190 9.98 -25.96 -4.13
CA ALA B 190 9.65 -27.34 -3.83
C ALA B 190 10.35 -27.81 -2.56
N GLN B 191 11.65 -27.57 -2.47
CA GLN B 191 12.41 -27.97 -1.29
C GLN B 191 11.89 -27.24 -0.06
N ALA B 192 11.63 -25.95 -0.20
CA ALA B 192 11.18 -25.14 0.91
C ALA B 192 9.83 -25.64 1.42
N HIS B 193 9.09 -26.31 0.55
CA HIS B 193 7.77 -26.84 0.93
C HIS B 193 7.74 -28.35 1.11
N GLY B 194 8.92 -28.96 1.08
CA GLY B 194 9.05 -30.39 1.32
C GLY B 194 8.44 -31.28 0.25
N LYS B 195 8.38 -30.80 -0.99
CA LYS B 195 7.79 -31.58 -2.07
C LYS B 195 8.79 -32.62 -2.52
N PRO B 196 8.31 -33.68 -3.15
CA PRO B 196 9.25 -34.66 -3.70
C PRO B 196 9.99 -34.10 -4.90
N LEU B 197 11.10 -34.71 -5.26
CA LEU B 197 11.82 -34.34 -6.47
C LEU B 197 11.02 -34.76 -7.69
N PRO B 198 11.16 -34.03 -8.81
CA PRO B 198 10.53 -34.51 -10.04
C PRO B 198 11.06 -35.89 -10.37
N LYS B 199 10.23 -36.75 -10.97
CA LYS B 199 10.66 -38.11 -11.31
C LYS B 199 11.91 -38.06 -12.18
N GLY B 200 12.94 -38.81 -11.81
CA GLY B 200 14.12 -38.88 -12.64
C GLY B 200 15.15 -37.78 -12.40
N LEU B 201 14.81 -36.82 -11.54
CA LEU B 201 15.78 -35.80 -11.12
C LEU B 201 16.37 -36.22 -9.79
N SER B 202 17.62 -36.63 -9.79
CA SER B 202 18.26 -37.09 -8.56
C SER B 202 18.48 -35.92 -7.63
N GLN B 203 18.70 -36.21 -6.36
CA GLN B 203 18.99 -35.11 -5.43
C GLN B 203 20.25 -34.37 -5.90
N GLU B 204 21.21 -35.12 -6.42
CA GLU B 204 22.46 -34.53 -6.89
C GLU B 204 22.20 -33.54 -8.03
N ASP B 205 21.34 -33.92 -8.97
CA ASP B 205 20.99 -33.02 -10.07
C ASP B 205 20.25 -31.79 -9.56
N ALA B 206 19.24 -31.99 -8.71
CA ALA B 206 18.54 -30.86 -8.11
C ALA B 206 19.52 -29.93 -7.40
N ASP B 207 20.45 -30.50 -6.62
CA ASP B 207 21.42 -29.71 -5.88
C ASP B 207 22.28 -28.86 -6.83
N GLN B 208 22.70 -29.46 -7.94
CA GLN B 208 23.46 -28.74 -8.95
C GLN B 208 22.66 -27.57 -9.55
N ILE B 209 21.41 -27.84 -9.90
CA ILE B 209 20.56 -26.79 -10.48
C ILE B 209 20.38 -25.63 -9.49
N ILE B 210 20.08 -25.99 -8.25
CA ILE B 210 19.86 -24.96 -7.22
C ILE B 210 21.14 -24.16 -6.94
N ALA B 211 22.27 -24.86 -6.94
CA ALA B 211 23.56 -24.20 -6.70
C ALA B 211 23.91 -23.25 -7.85
N LEU B 212 23.55 -23.64 -9.07
CA LEU B 212 23.77 -22.78 -10.21
C LEU B 212 22.87 -21.56 -10.14
N THR B 213 21.68 -21.76 -9.57
CA THR B 213 20.71 -20.69 -9.44
C THR B 213 21.20 -19.64 -8.45
N ASP B 214 21.63 -20.11 -7.28
CA ASP B 214 22.25 -19.24 -6.27
C ASP B 214 23.43 -18.50 -6.89
N TRP B 215 24.30 -19.23 -7.56
CA TRP B 215 25.49 -18.65 -8.18
C TRP B 215 25.11 -17.58 -9.20
N GLY B 216 24.18 -17.90 -10.07
CA GLY B 216 23.78 -17.02 -11.17
C GLY B 216 23.24 -15.68 -10.69
N LEU B 217 22.35 -15.75 -9.72
CA LEU B 217 21.75 -14.54 -9.16
C LEU B 217 22.82 -13.64 -8.54
N ALA B 218 23.72 -14.22 -7.74
CA ALA B 218 24.77 -13.42 -7.11
C ALA B 218 25.77 -12.90 -8.13
N GLN B 219 26.08 -13.72 -9.14
CA GLN B 219 27.08 -13.33 -10.12
C GLN B 219 26.70 -12.06 -10.88
N GLN B 220 25.42 -11.91 -11.15
CA GLN B 220 24.91 -10.76 -11.90
C GLN B 220 25.34 -9.43 -11.28
N PHE B 221 25.42 -9.41 -9.95
CA PHE B 221 25.64 -8.15 -9.25
C PHE B 221 27.09 -8.00 -8.79
N LYS B 222 27.92 -8.97 -9.16
CA LYS B 222 29.35 -8.84 -8.94
C LYS B 222 29.90 -7.73 -9.82
N SER B 223 29.13 -7.34 -10.84
CA SER B 223 29.43 -6.16 -11.63
C SER B 223 28.87 -4.92 -10.96
N GLN B 224 29.74 -4.01 -10.54
CA GLN B 224 29.23 -2.81 -9.89
C GLN B 224 28.41 -1.97 -10.86
N LYS B 225 28.71 -2.08 -12.15
CA LYS B 225 27.97 -1.34 -13.17
C LYS B 225 26.55 -1.85 -13.31
N VAL B 226 26.37 -3.17 -13.38
CA VAL B 226 25.03 -3.73 -13.39
C VAL B 226 24.30 -3.34 -12.12
N SER B 227 24.98 -3.46 -10.98
CA SER B 227 24.37 -3.12 -9.70
C SER B 227 23.91 -1.67 -9.70
N TYR B 228 24.76 -0.77 -10.19
CA TYR B 228 24.41 0.64 -10.18
C TYR B 228 23.24 0.96 -11.12
N ILE B 229 23.24 0.36 -12.31
CA ILE B 229 22.13 0.58 -13.25
C ILE B 229 20.79 0.30 -12.55
N MET B 230 20.74 -0.83 -11.87
CA MET B 230 19.49 -1.26 -11.26
C MET B 230 19.29 -0.69 -9.86
N GLY B 231 20.41 -0.46 -9.16
CA GLY B 231 20.37 -0.17 -7.74
C GLY B 231 20.86 1.19 -7.30
N GLY B 232 21.51 1.94 -8.19
CA GLY B 232 22.02 3.25 -7.84
C GLY B 232 20.98 4.24 -7.33
N LYS B 233 19.78 4.18 -7.90
CA LYS B 233 18.71 5.06 -7.46
C LYS B 233 18.31 4.80 -6.00
N LEU B 234 18.12 3.54 -5.64
CA LEU B 234 17.73 3.21 -4.27
C LEU B 234 18.89 3.44 -3.30
N THR B 235 20.11 3.09 -3.71
CA THR B 235 21.25 3.30 -2.85
C THR B 235 21.37 4.80 -2.52
N ASN B 236 21.28 5.65 -3.53
CA ASN B 236 21.34 7.09 -3.30
C ASN B 236 20.22 7.54 -2.36
N ARG B 237 19.04 6.99 -2.58
CA ARG B 237 17.89 7.40 -1.79
C ARG B 237 18.07 7.08 -0.31
N MET B 238 18.57 5.88 -0.01
CA MET B 238 18.79 5.49 1.37
C MET B 238 19.82 6.39 2.04
N ILE B 239 20.87 6.72 1.31
CA ILE B 239 21.90 7.57 1.89
C ILE B 239 21.35 8.98 2.11
N GLU B 240 20.53 9.45 1.17
CA GLU B 240 19.85 10.71 1.34
C GLU B 240 18.94 10.69 2.56
N ASP B 241 18.32 9.54 2.85
CA ASP B 241 17.50 9.41 4.05
C ASP B 241 18.33 9.66 5.30
N LEU B 242 19.52 9.08 5.34
CA LEU B 242 20.46 9.30 6.46
C LEU B 242 20.71 10.79 6.58
N ASN B 243 20.94 11.44 5.46
CA ASN B 243 21.27 12.86 5.50
C ASN B 243 20.11 13.71 5.98
N ASN B 244 18.89 13.32 5.58
CA ASN B 244 17.70 14.07 5.96
C ASN B 244 17.40 13.94 7.45
N ALA B 245 17.95 12.91 8.08
CA ALA B 245 17.79 12.72 9.52
C ALA B 245 18.71 13.65 10.28
N VAL B 246 19.74 14.15 9.59
CA VAL B 246 20.73 15.03 10.20
C VAL B 246 20.45 16.49 9.86
N ASN B 247 20.01 16.72 8.62
CA ASN B 247 19.85 18.08 8.13
C ASN B 247 18.50 18.69 8.48
N GLY B 248 17.67 17.93 9.16
CA GLY B 248 16.37 18.41 9.63
C GLY B 248 15.28 18.39 8.58
N LYS B 249 15.57 17.83 7.41
CA LYS B 249 14.57 17.80 6.34
C LYS B 249 13.49 16.76 6.59
N SER B 250 13.78 15.76 7.43
CA SER B 250 12.84 14.68 7.69
C SER B 250 12.82 14.23 9.15
N LYS B 251 11.63 13.90 9.65
CA LYS B 251 11.50 13.48 11.05
C LYS B 251 11.34 11.96 11.18
N TYR B 252 11.41 11.24 10.07
CA TYR B 252 11.31 9.78 10.16
C TYR B 252 12.45 9.22 11.03
N LYS B 253 12.12 8.20 11.82
CA LYS B 253 13.11 7.42 12.56
C LYS B 253 13.62 6.27 11.69
N MET B 254 12.81 5.83 10.74
CA MET B 254 13.19 4.73 9.90
C MET B 254 12.50 4.88 8.54
N THR B 255 13.22 4.56 7.48
CA THR B 255 12.60 4.35 6.18
C THR B 255 12.78 2.87 5.81
N TYR B 256 11.74 2.25 5.27
CA TYR B 256 11.79 0.82 5.02
C TYR B 256 11.29 0.56 3.61
N TYR B 257 12.16 -0.04 2.79
CA TYR B 257 11.86 -0.36 1.41
C TYR B 257 11.61 -1.86 1.30
N SER B 258 10.37 -2.24 1.00
CA SER B 258 10.02 -3.64 0.90
C SER B 258 10.24 -4.16 -0.50
N GLY B 259 11.19 -5.07 -0.64
CA GLY B 259 11.60 -5.50 -1.96
C GLY B 259 11.90 -6.98 -2.14
N HIS B 260 12.88 -7.26 -2.99
CA HIS B 260 13.12 -8.56 -3.60
C HIS B 260 14.56 -8.97 -3.42
N ASP B 261 14.92 -10.20 -3.81
CA ASP B 261 16.35 -10.55 -3.75
C ASP B 261 17.22 -9.56 -4.52
N LEU B 262 16.78 -9.20 -5.73
CA LEU B 262 17.53 -8.28 -6.58
C LEU B 262 17.71 -6.93 -5.88
N THR B 263 16.72 -6.52 -5.09
CA THR B 263 16.81 -5.22 -4.41
C THR B 263 18.02 -5.19 -3.46
N LEU B 264 18.18 -6.25 -2.68
CA LEU B 264 19.32 -6.39 -1.79
C LEU B 264 20.61 -6.51 -2.60
N LEU B 265 20.58 -7.38 -3.61
CA LEU B 265 21.78 -7.60 -4.40
C LEU B 265 22.28 -6.32 -5.06
N GLU B 266 21.37 -5.51 -5.60
CA GLU B 266 21.77 -4.32 -6.36
C GLU B 266 22.32 -3.20 -5.47
N VAL B 267 21.76 -3.07 -4.27
CA VAL B 267 22.27 -2.07 -3.34
C VAL B 267 23.63 -2.50 -2.80
N MET B 268 23.73 -3.74 -2.33
CA MET B 268 25.00 -4.25 -1.84
C MET B 268 26.07 -4.18 -2.94
N GLY B 269 25.68 -4.54 -4.16
CA GLY B 269 26.58 -4.47 -5.30
C GLY B 269 26.98 -3.04 -5.63
N THR B 270 26.04 -2.11 -5.50
CA THR B 270 26.32 -0.71 -5.80
C THR B 270 27.37 -0.16 -4.84
N LEU B 271 27.25 -0.56 -3.58
CA LEU B 271 28.13 -0.09 -2.51
C LEU B 271 29.48 -0.78 -2.56
N GLY B 272 29.67 -1.68 -3.51
CA GLY B 272 30.95 -2.32 -3.70
C GLY B 272 31.19 -3.48 -2.75
N VAL B 273 30.11 -3.96 -2.14
CA VAL B 273 30.20 -5.15 -1.30
C VAL B 273 29.17 -6.18 -1.76
N PRO B 274 29.30 -6.63 -3.02
CA PRO B 274 28.29 -7.54 -3.57
C PRO B 274 28.22 -8.83 -2.78
N LEU B 275 27.01 -9.39 -2.66
CA LEU B 275 26.82 -10.65 -1.95
C LEU B 275 27.43 -11.83 -2.69
N ASP B 276 27.97 -12.79 -1.94
CA ASP B 276 28.47 -14.02 -2.54
C ASP B 276 27.36 -15.05 -2.77
N THR B 277 26.31 -14.97 -1.96
CA THR B 277 25.19 -15.90 -2.10
C THR B 277 23.87 -15.15 -2.27
N ALA B 278 22.97 -15.69 -3.07
CA ALA B 278 21.68 -15.03 -3.28
C ALA B 278 20.92 -14.96 -1.95
N PRO B 279 20.30 -13.81 -1.69
CA PRO B 279 19.58 -13.59 -0.42
C PRO B 279 18.44 -14.59 -0.23
N GLY B 280 18.36 -15.21 0.95
CA GLY B 280 17.24 -16.07 1.28
C GLY B 280 16.00 -15.26 1.60
N TYR B 281 14.88 -15.94 1.83
CA TYR B 281 13.66 -15.24 2.18
C TYR B 281 13.83 -14.38 3.43
N ALA B 282 13.24 -13.19 3.39
CA ALA B 282 13.30 -12.25 4.52
C ALA B 282 14.73 -11.80 4.88
N SER B 283 15.64 -11.88 3.93
CA SER B 283 16.94 -11.28 4.13
C SER B 283 16.73 -9.79 4.27
N ASN B 284 17.65 -9.11 4.94
CA ASN B 284 17.42 -7.70 5.18
C ASN B 284 18.71 -6.96 5.38
N LEU B 285 18.68 -5.68 5.05
CA LEU B 285 19.84 -4.80 5.15
CA LEU B 285 19.85 -4.83 5.26
C LEU B 285 19.43 -3.54 5.90
N GLU B 286 20.30 -3.02 6.76
CA GLU B 286 20.02 -1.80 7.49
C GLU B 286 21.23 -0.89 7.45
N MET B 287 20.99 0.37 7.11
CA MET B 287 21.99 1.40 7.26
C MET B 287 21.64 2.11 8.56
N GLU B 288 22.55 2.06 9.54
CA GLU B 288 22.28 2.66 10.84
C GLU B 288 23.07 3.95 10.99
N LEU B 289 22.39 5.01 11.44
CA LEU B 289 23.03 6.30 11.67
C LEU B 289 23.10 6.58 13.17
N TYR B 290 24.31 6.89 13.66
CA TYR B 290 24.52 7.18 15.09
C TYR B 290 24.99 8.61 15.27
N LYS B 291 24.63 9.21 16.40
CA LYS B 291 25.10 10.55 16.72
C LYS B 291 25.80 10.57 18.07
N ASP B 292 27.02 11.11 18.09
CA ASP B 292 27.71 11.40 19.33
C ASP B 292 28.19 12.83 19.23
N GLY B 293 27.41 13.74 19.79
CA GLY B 293 27.69 15.16 19.67
C GLY B 293 27.50 15.61 18.24
N ASP B 294 28.53 16.25 17.68
CA ASP B 294 28.48 16.71 16.31
C ASP B 294 28.97 15.63 15.35
N ILE B 295 29.34 14.47 15.89
CA ILE B 295 29.88 13.39 15.09
C ILE B 295 28.78 12.39 14.69
N TYR B 296 28.69 12.14 13.39
CA TYR B 296 27.72 11.18 12.86
C TYR B 296 28.43 10.01 12.20
N THR B 297 28.06 8.80 12.60
CA THR B 297 28.71 7.60 12.07
C THR B 297 27.67 6.60 11.55
N VAL B 298 28.06 5.86 10.53
CA VAL B 298 27.16 4.91 9.89
C VAL B 298 27.69 3.48 10.01
N LYS B 299 26.78 2.53 10.17
CA LYS B 299 27.13 1.13 10.11
C LYS B 299 26.19 0.47 9.11
N LEU B 300 26.63 -0.64 8.53
CA LEU B 300 25.85 -1.33 7.50
C LEU B 300 25.68 -2.78 7.94
N ARG B 301 24.43 -3.19 8.10
CA ARG B 301 24.12 -4.51 8.62
CA ARG B 301 24.10 -4.51 8.63
C ARG B 301 23.37 -5.33 7.57
N TYR B 302 23.82 -6.56 7.36
CA TYR B 302 23.17 -7.44 6.41
C TYR B 302 22.93 -8.80 7.05
N ASN B 303 21.67 -9.22 7.12
CA ASN B 303 21.32 -10.50 7.74
C ASN B 303 22.01 -10.71 9.08
N GLY B 304 21.94 -9.69 9.94
CA GLY B 304 22.35 -9.83 11.32
C GLY B 304 23.81 -9.57 11.62
N LYS B 305 24.60 -9.28 10.60
CA LYS B 305 26.04 -9.08 10.78
C LYS B 305 26.50 -7.79 10.11
N TYR B 306 27.39 -7.05 10.77
CA TYR B 306 27.93 -5.83 10.17
C TYR B 306 28.78 -6.11 8.95
N VAL B 307 28.72 -5.20 7.99
CA VAL B 307 29.45 -5.34 6.75
C VAL B 307 30.45 -4.20 6.65
N LYS B 308 31.67 -4.52 6.22
CA LYS B 308 32.71 -3.49 6.19
C LYS B 308 32.91 -2.96 4.77
N LEU B 309 32.41 -1.76 4.53
CA LEU B 309 32.72 -1.04 3.31
C LEU B 309 34.21 -0.75 3.34
N PRO B 310 34.80 -0.53 2.16
CA PRO B 310 36.21 -0.17 2.03
C PRO B 310 36.57 1.06 2.86
N ILE B 311 35.59 1.92 3.11
CA ILE B 311 35.85 3.18 3.81
C ILE B 311 35.71 3.06 5.33
N MET B 312 35.30 1.90 5.81
CA MET B 312 35.04 1.76 7.25
C MET B 312 36.27 1.33 8.02
N ASP B 313 36.24 1.56 9.33
CA ASP B 313 37.38 1.23 10.19
C ASP B 313 37.23 -0.17 10.79
N LYS B 314 38.16 -0.49 11.68
CA LYS B 314 38.16 -1.79 12.35
C LYS B 314 36.80 -2.12 12.97
N ASN B 315 36.04 -1.08 13.31
CA ASN B 315 34.75 -1.25 13.96
C ASN B 315 33.57 -1.22 12.99
N ASN B 316 33.83 -1.48 11.72
CA ASN B 316 32.78 -1.51 10.71
C ASN B 316 31.96 -0.23 10.71
N SER B 317 32.65 0.90 10.85
CA SER B 317 31.96 2.18 10.91
C SER B 317 32.70 3.24 10.11
N CYS B 318 31.95 4.25 9.67
CA CYS B 318 32.53 5.40 9.02
C CYS B 318 31.68 6.62 9.31
N SER B 319 32.27 7.80 9.15
CA SER B 319 31.51 9.03 9.28
C SER B 319 30.47 9.09 8.17
N LEU B 320 29.40 9.83 8.40
CA LEU B 320 28.42 10.05 7.37
C LEU B 320 29.03 10.85 6.22
N ASP B 321 29.86 11.84 6.56
CA ASP B 321 30.61 12.57 5.54
C ASP B 321 31.37 11.62 4.62
N ALA B 322 32.04 10.64 5.21
CA ALA B 322 32.82 9.69 4.43
C ALA B 322 31.91 8.87 3.52
N LEU B 323 30.77 8.43 4.07
CA LEU B 323 29.82 7.65 3.28
C LEU B 323 29.35 8.48 2.10
N ASN B 324 29.03 9.74 2.37
CA ASN B 324 28.61 10.67 1.31
C ASN B 324 29.64 10.80 0.21
N LYS B 325 30.91 10.98 0.59
CA LYS B 325 31.98 11.13 -0.38
C LYS B 325 32.14 9.85 -1.20
N TYR B 326 32.07 8.71 -0.52
CA TYR B 326 32.17 7.40 -1.14
C TYR B 326 31.08 7.22 -2.19
N MET B 327 29.84 7.56 -1.80
CA MET B 327 28.72 7.47 -2.71
C MET B 327 28.88 8.45 -3.87
N GLN B 328 29.38 9.66 -3.57
CA GLN B 328 29.59 10.66 -4.61
C GLN B 328 30.53 10.11 -5.67
N SER B 329 31.57 9.41 -5.24
CA SER B 329 32.54 8.87 -6.18
C SER B 329 31.91 7.76 -7.02
N ILE B 330 31.09 6.92 -6.40
CA ILE B 330 30.40 5.87 -7.13
C ILE B 330 29.54 6.51 -8.22
N ASN B 331 28.80 7.54 -7.85
CA ASN B 331 27.98 8.29 -8.80
C ASN B 331 28.80 8.85 -9.95
N GLU B 332 29.95 9.44 -9.64
CA GLU B 332 30.80 9.98 -10.69
C GLU B 332 31.34 8.85 -11.57
N LYS B 333 31.67 7.73 -10.95
CA LYS B 333 32.14 6.54 -11.66
C LYS B 333 31.15 6.05 -12.70
N PHE B 334 29.86 6.19 -12.40
CA PHE B 334 28.78 5.80 -13.30
C PHE B 334 27.83 6.98 -13.53
C ACT C . -3.73 0.84 -10.65
O ACT C . -4.38 1.67 -11.33
OXT ACT C . -4.33 -0.22 -10.37
CH3 ACT C . -2.32 1.11 -10.19
O2 PG0 D . -29.98 26.79 0.41
C4 PG0 D . -30.07 25.48 0.89
C3 PG0 D . -29.45 25.16 2.25
O1 PG0 D . -28.16 25.61 2.52
C2 PG0 D . -27.67 25.56 3.83
C1 PG0 D . -26.53 26.52 4.19
OTT PG0 D . -26.81 27.55 5.10
O2 PG0 E . -5.29 -2.85 -13.12
C4 PG0 E . -5.00 -3.82 -12.16
C3 PG0 E . -6.18 -4.60 -11.57
O1 PG0 E . -7.30 -3.84 -11.22
C2 PG0 E . -8.48 -4.45 -10.79
C1 PG0 E . -9.67 -3.50 -10.66
OTT PG0 E . -9.91 -2.63 -11.72
O1 TLA F . -7.81 15.22 1.26
O11 TLA F . -9.17 16.90 1.79
C1 TLA F . -8.78 15.71 1.87
C2 TLA F . -9.57 14.76 2.79
O2 TLA F . -9.08 13.41 2.71
C3 TLA F . -11.05 14.86 2.42
O3 TLA F . -11.21 14.50 1.05
C4 TLA F . -11.85 13.94 3.33
O4 TLA F . -11.73 14.17 4.54
O41 TLA F . -12.56 13.02 2.83
C ACT G . 7.62 7.33 -3.68
O ACT G . 8.61 7.28 -4.44
OXT ACT G . 7.87 7.53 -2.48
CH3 ACT G . 6.22 7.16 -4.21
O2 PG0 H . 27.95 -25.51 -9.97
C4 PG0 H . 27.60 -24.19 -9.66
C3 PG0 H . 28.34 -23.51 -8.51
O1 PG0 H . 29.51 -22.81 -8.83
C2 PG0 H . 30.15 -22.09 -7.82
C1 PG0 H . 31.67 -22.13 -7.78
OTT PG0 H . 32.37 -21.05 -8.34
O2 PG0 I . 9.16 10.94 -0.80
C4 PG0 I . 8.39 10.64 0.33
C3 PG0 I . 9.12 10.30 1.63
O1 PG0 I . 10.32 9.59 1.49
C2 PG0 I . 10.91 8.99 2.59
C1 PG0 I . 12.24 8.31 2.30
OTT PG0 I . 12.83 8.60 1.06
O1 TLA J . 13.06 -12.13 -4.45
O11 TLA J . 11.90 -13.96 -4.97
C1 TLA J . 12.43 -12.87 -5.25
C2 TLA J . 12.28 -12.41 -6.70
O2 TLA J . 12.88 -11.14 -6.94
C3 TLA J . 10.80 -12.35 -7.06
O3 TLA J . 10.09 -11.43 -6.19
C4 TLA J . 10.68 -11.88 -8.52
O4 TLA J . 11.31 -12.53 -9.40
O41 TLA J . 9.97 -10.89 -8.73
#